data_7W14
#
_entry.id   7W14
#
_cell.length_a   1.00
_cell.length_b   1.00
_cell.length_c   1.00
_cell.angle_alpha   90.00
_cell.angle_beta   90.00
_cell.angle_gamma   90.00
#
_symmetry.space_group_name_H-M   'P 1'
#
loop_
_entity.id
_entity.type
_entity.pdbx_description
1 polymer 'Capsid protein VP1'
2 polymer 'Capsid protein VP2'
3 polymer 'Capsid protein VP3'
4 polymer 'Capsid protein VP4'
5 polymer 'Coxsackievirus and adenovirus receptor'
#
loop_
_entity_poly.entity_id
_entity_poly.type
_entity_poly.pdbx_seq_one_letter_code
_entity_poly.pdbx_strand_id
1 'polypeptide(L)'
;GPVEDAVTAAIGRVADTVGTGPTNSEAIPALTAAETGHTSQVVPGDTMQTRHVKNYHSRSESTVENFLCRSACVYFTEYK
NSGSKRYAEWVVTTRQAAQLRRKLEFFTYIRFDLELTFVITSTQQPSTTQNQDAQILTHQIMYVPPGGPVPDKVDSYVWQ
TSTNPSVFWTEGNAPPRMSIPFLSIGNAYSNFYDGWSDFSRDGVYGINTLNSMGTLYARHVNTGGTGPIKSTIRIYFKPK
HVKAWIPRPPRLCQYEKAKNVNFQPSGVTTTRQSITAMTNTGAF
;
A
2 'polypeptide(L)'
;SPTVEECGYSDRVRSITLGNSTITTQECANVVVGYGVWPDYLKDNEATAEDQPTQPDVATCRFYTLDSVQWQKTSPGWWW
KLPDALSNLGLFGQNMQYHYLGRTGYTIHVQCNASKFHQGCLLVVCVPEAEMGCATLDNTPSSAELLGGDAAKEFAGEPI
ASGSNKLVQRVVYNAGMGIGVGNLTIFPHQWINLRTNNSATIVMPYTNSVPMDNMFRHNNVTLMVIPFVPLDYCPGSTTY
VPITVTIAPMNAEYNGLRLAGHQ
;
B
3 'polypeptide(L)'
;GLPTMNTPGSCQFLTSDDFQSPSAMPQYDVTPEMRIPGEVKNLMEIAEVDSVVPVQNVGEKVNSMEAYQIPVRSNEGSGT
QVFGFPLQPGYSSVFSRTLLGEILNYYTHWSGSIKLTFMFCGSAMATGKFLLAYSPLGAGAPTKRVDAMLGTHVVWDVGL
QSSCVLCIPWISQTHYRYVASDECTAGGFITCWYQTNIVVPADAQSSCYIMCFVSACNDFSVRLLKDTPFISQENFFQ
;
C
4 'polypeptide(L)' GAQVSTQKTGAHETGLNASGNSIIHYTNINYYKDAASNSATRQDFAQDPGKFTEPVKDIMIKSLPALN D
5 'polypeptide(L)'
;MSITTPEEMIEKAKGETAYLPCKFTLSPEDQGPLDIEWLISPADNQKVDQVIILYSGDKIYDDYYPDLKGRVHFTSNDLK
SGDASINVTNLQLSDIGTYQCKVKKAPGVANKKIHLVVLVKPSGARCYVDGSEEIGSDFKIKCEPKEGSLPLQYEWQKLS
DSQKMPTSWLAEMTSSVISVKNASSEYSGTYSCTVRNRVGSDQCLLRLNVVPPSNKALE
;
E
#
# COMPACT_ATOMS: atom_id res chain seq x y z
N GLY A 12 -11.90 -22.67 -12.87
CA GLY A 12 -11.36 -21.40 -13.34
C GLY A 12 -12.28 -20.54 -14.20
N ARG A 13 -13.36 -21.12 -14.71
CA ARG A 13 -14.22 -20.37 -15.61
C ARG A 13 -15.03 -19.32 -14.87
N VAL A 14 -15.54 -18.37 -15.64
CA VAL A 14 -16.41 -17.31 -15.16
C VAL A 14 -17.86 -17.82 -15.19
N ALA A 15 -18.78 -17.13 -14.53
CA ALA A 15 -20.13 -17.63 -14.36
C ALA A 15 -21.02 -17.37 -15.58
N ASP A 16 -21.99 -18.24 -15.79
CA ASP A 16 -22.93 -18.13 -16.89
C ASP A 16 -23.98 -17.06 -16.60
N THR A 17 -24.78 -16.72 -17.60
CA THR A 17 -25.90 -15.79 -17.43
C THR A 17 -27.20 -16.57 -17.48
N VAL A 18 -27.95 -16.51 -16.40
CA VAL A 18 -29.27 -17.14 -16.31
C VAL A 18 -30.29 -16.28 -17.03
N GLY A 19 -31.06 -16.89 -17.94
CA GLY A 19 -32.14 -16.18 -18.62
C GLY A 19 -33.34 -15.92 -17.72
N THR A 20 -33.84 -14.69 -17.74
CA THR A 20 -34.97 -14.31 -16.91
C THR A 20 -36.04 -13.58 -17.74
N GLY A 21 -37.29 -13.69 -17.29
CA GLY A 21 -38.42 -13.02 -17.90
C GLY A 21 -38.92 -11.86 -17.05
N PRO A 22 -40.05 -11.27 -17.43
CA PRO A 22 -40.59 -10.13 -16.68
C PRO A 22 -40.99 -10.51 -15.25
N THR A 23 -41.14 -9.48 -14.41
CA THR A 23 -41.34 -9.69 -12.98
C THR A 23 -42.19 -8.57 -12.41
N ASN A 24 -43.02 -8.90 -11.41
CA ASN A 24 -43.81 -7.90 -10.66
C ASN A 24 -44.01 -8.43 -9.24
N SER A 25 -43.15 -8.01 -8.31
CA SER A 25 -43.21 -8.61 -6.97
C SER A 25 -42.61 -7.70 -5.90
N GLU A 26 -42.65 -8.18 -4.66
CA GLU A 26 -42.11 -7.52 -3.48
C GLU A 26 -40.59 -7.69 -3.36
N ALA A 27 -40.00 -8.58 -4.15
CA ALA A 27 -38.56 -8.78 -4.13
C ALA A 27 -37.83 -7.57 -4.67
N ILE A 28 -36.86 -7.08 -3.93
CA ILE A 28 -36.16 -5.86 -4.32
C ILE A 28 -34.65 -6.12 -4.33
N PRO A 29 -34.14 -6.95 -5.24
CA PRO A 29 -32.70 -7.22 -5.26
C PRO A 29 -31.85 -5.98 -5.49
N ALA A 30 -32.36 -4.98 -6.23
CA ALA A 30 -31.55 -3.80 -6.55
C ALA A 30 -31.58 -2.71 -5.48
N LEU A 31 -32.31 -2.86 -4.38
CA LEU A 31 -32.27 -1.89 -3.28
C LEU A 31 -31.51 -2.49 -2.10
N THR A 32 -30.48 -1.80 -1.64
CA THR A 32 -29.73 -2.31 -0.51
C THR A 32 -29.26 -1.14 0.35
N ALA A 33 -28.29 -1.40 1.23
CA ALA A 33 -27.74 -0.39 2.13
C ALA A 33 -26.23 -0.56 2.17
N ALA A 34 -25.51 0.30 1.44
CA ALA A 34 -24.06 0.27 1.38
C ALA A 34 -23.38 0.59 2.71
N GLU A 35 -24.08 1.26 3.63
CA GLU A 35 -23.62 1.48 5.00
C GLU A 35 -23.07 0.21 5.67
N THR A 36 -23.63 -0.97 5.39
CA THR A 36 -23.29 -2.19 6.10
C THR A 36 -21.88 -2.71 5.82
N GLY A 37 -21.15 -2.14 4.86
CA GLY A 37 -19.88 -2.68 4.43
C GLY A 37 -19.93 -3.82 3.44
N HIS A 38 -21.13 -4.27 3.09
CA HIS A 38 -21.34 -5.37 2.17
C HIS A 38 -21.36 -4.86 0.72
N THR A 39 -20.72 -5.62 -0.18
CA THR A 39 -20.85 -5.37 -1.62
C THR A 39 -21.98 -6.21 -2.22
N SER A 40 -22.91 -5.54 -2.90
CA SER A 40 -24.06 -6.21 -3.51
C SER A 40 -23.64 -7.28 -4.51
N GLN A 41 -24.40 -8.37 -4.53
CA GLN A 41 -24.17 -9.51 -5.40
C GLN A 41 -25.11 -9.55 -6.61
N VAL A 42 -25.56 -8.40 -7.06
CA VAL A 42 -26.53 -8.31 -8.14
C VAL A 42 -25.93 -8.75 -9.48
N VAL A 43 -26.75 -9.39 -10.31
CA VAL A 43 -26.40 -9.77 -11.68
C VAL A 43 -27.44 -9.18 -12.63
N PRO A 44 -27.17 -9.09 -13.93
CA PRO A 44 -28.10 -8.36 -14.82
C PRO A 44 -29.52 -8.88 -14.81
N GLY A 45 -29.70 -10.20 -14.63
CA GLY A 45 -31.03 -10.77 -14.57
C GLY A 45 -31.92 -10.23 -13.47
N ASP A 46 -31.33 -9.56 -12.47
CA ASP A 46 -32.13 -8.98 -11.38
C ASP A 46 -32.90 -7.74 -11.84
N THR A 47 -32.40 -7.03 -12.86
CA THR A 47 -32.95 -5.73 -13.23
C THR A 47 -33.34 -5.59 -14.70
N MET A 48 -33.30 -6.66 -15.48
CA MET A 48 -33.68 -6.62 -16.89
C MET A 48 -33.90 -8.05 -17.35
N GLN A 49 -34.64 -8.20 -18.45
CA GLN A 49 -34.77 -9.49 -19.12
C GLN A 49 -33.47 -9.82 -19.85
N THR A 50 -32.99 -11.04 -19.68
CA THR A 50 -31.74 -11.51 -20.25
C THR A 50 -31.95 -12.84 -20.96
N ARG A 51 -31.17 -13.09 -22.01
CA ARG A 51 -31.08 -14.44 -22.53
C ARG A 51 -30.13 -15.28 -21.66
N HIS A 52 -30.11 -16.57 -21.93
CA HIS A 52 -29.15 -17.47 -21.30
C HIS A 52 -27.85 -17.51 -22.12
N VAL A 53 -26.72 -17.37 -21.45
CA VAL A 53 -25.41 -17.36 -22.12
C VAL A 53 -24.51 -18.43 -21.49
N LYS A 54 -23.90 -19.25 -22.34
CA LYS A 54 -22.89 -20.23 -21.93
C LYS A 54 -21.53 -19.57 -22.04
N ASN A 55 -21.01 -19.05 -20.93
CA ASN A 55 -19.75 -18.32 -20.93
C ASN A 55 -18.61 -19.31 -20.71
N TYR A 56 -17.59 -19.21 -21.57
CA TYR A 56 -16.40 -20.06 -21.51
C TYR A 56 -15.14 -19.29 -21.10
N HIS A 57 -15.23 -17.99 -20.87
CA HIS A 57 -14.05 -17.21 -20.52
C HIS A 57 -13.44 -17.67 -19.20
N SER A 58 -12.13 -17.53 -19.08
CA SER A 58 -11.37 -18.02 -17.93
C SER A 58 -10.66 -16.88 -17.21
N ARG A 59 -10.35 -17.10 -15.95
CA ARG A 59 -9.68 -16.11 -15.11
C ARG A 59 -8.21 -16.47 -14.82
N SER A 60 -7.61 -17.32 -15.64
CA SER A 60 -6.27 -17.85 -15.35
C SER A 60 -5.19 -16.79 -15.43
N GLU A 61 -5.37 -15.71 -16.19
CA GLU A 61 -4.24 -14.79 -16.32
C GLU A 61 -4.18 -13.77 -15.19
N SER A 62 -5.10 -13.83 -14.23
CA SER A 62 -5.08 -12.91 -13.11
C SER A 62 -4.93 -13.61 -11.76
N THR A 63 -4.40 -14.83 -11.73
CA THR A 63 -3.98 -15.42 -10.47
C THR A 63 -2.80 -14.61 -9.95
N VAL A 64 -2.62 -14.60 -8.63
CA VAL A 64 -1.55 -13.81 -8.05
C VAL A 64 -0.19 -14.23 -8.61
N GLU A 65 -0.01 -15.55 -8.79
CA GLU A 65 1.23 -16.07 -9.36
C GLU A 65 1.45 -15.55 -10.78
N ASN A 66 0.47 -15.72 -11.67
CA ASN A 66 0.66 -15.25 -13.03
C ASN A 66 0.81 -13.73 -13.07
N PHE A 67 0.18 -13.01 -12.14
CA PHE A 67 0.35 -11.56 -12.09
C PHE A 67 1.76 -11.14 -11.68
N LEU A 68 2.42 -11.92 -10.83
CA LEU A 68 3.73 -11.52 -10.32
C LEU A 68 4.91 -12.20 -11.02
N CYS A 69 4.72 -13.31 -11.72
CA CYS A 69 5.85 -14.16 -12.14
C CYS A 69 6.35 -13.77 -13.53
N ARG A 70 6.97 -12.60 -13.60
CA ARG A 70 7.72 -12.18 -14.77
C ARG A 70 9.01 -11.55 -14.30
N SER A 71 10.07 -11.71 -15.09
CA SER A 71 11.36 -11.09 -14.80
C SER A 71 11.29 -9.57 -14.92
N ALA A 72 11.92 -8.90 -13.97
CA ALA A 72 12.01 -7.45 -13.99
C ALA A 72 13.41 -7.03 -13.58
N CYS A 73 13.95 -5.99 -14.21
CA CYS A 73 15.23 -5.44 -13.76
C CYS A 73 15.03 -4.57 -12.53
N VAL A 74 15.58 -4.99 -11.39
CA VAL A 74 15.48 -4.23 -10.16
C VAL A 74 16.60 -3.21 -9.98
N TYR A 75 17.73 -3.37 -10.65
CA TYR A 75 18.91 -2.56 -10.42
C TYR A 75 19.98 -2.84 -11.45
N PHE A 76 20.79 -1.84 -11.80
CA PHE A 76 22.01 -2.12 -12.54
C PHE A 76 23.11 -1.17 -12.08
N THR A 77 24.37 -1.60 -12.30
CA THR A 77 25.53 -0.74 -12.06
C THR A 77 26.70 -1.11 -12.96
N GLU A 78 27.80 -0.39 -12.78
CA GLU A 78 28.98 -0.48 -13.61
C GLU A 78 30.24 -0.71 -12.79
N TYR A 79 31.24 -1.31 -13.44
CA TYR A 79 32.58 -1.44 -12.88
C TYR A 79 33.60 -1.55 -14.02
N LYS A 80 34.84 -1.14 -13.74
CA LYS A 80 35.89 -1.03 -14.74
C LYS A 80 36.99 -2.07 -14.52
N ASN A 81 37.84 -2.23 -15.54
CA ASN A 81 39.00 -3.10 -15.48
C ASN A 81 40.27 -2.39 -15.02
N SER A 82 40.17 -1.12 -14.64
CA SER A 82 41.30 -0.29 -14.27
C SER A 82 40.76 1.01 -13.70
N GLY A 83 41.54 1.64 -12.83
CA GLY A 83 41.12 2.92 -12.29
C GLY A 83 40.61 2.85 -10.86
N SER A 84 39.47 3.49 -10.61
CA SER A 84 39.02 3.71 -9.24
C SER A 84 37.96 2.70 -8.81
N LYS A 85 36.95 2.50 -9.63
CA LYS A 85 35.81 1.65 -9.28
C LYS A 85 35.98 0.29 -9.94
N ARG A 86 36.65 -0.63 -9.27
CA ARG A 86 36.97 -1.94 -9.84
C ARG A 86 35.96 -3.02 -9.52
N TYR A 87 34.95 -2.76 -8.69
CA TYR A 87 33.94 -3.76 -8.39
C TYR A 87 32.64 -3.07 -8.03
N ALA A 88 31.54 -3.79 -8.14
CA ALA A 88 30.22 -3.29 -7.81
C ALA A 88 29.69 -3.95 -6.54
N GLU A 89 28.80 -3.23 -5.88
CA GLU A 89 28.33 -3.54 -4.53
C GLU A 89 26.89 -3.05 -4.39
N TRP A 90 25.97 -3.95 -4.06
CA TRP A 90 24.56 -3.61 -4.03
C TRP A 90 23.83 -4.37 -2.92
N VAL A 91 23.21 -3.63 -2.01
CA VAL A 91 22.35 -4.22 -0.99
C VAL A 91 21.05 -4.63 -1.66
N VAL A 92 20.68 -5.90 -1.49
CA VAL A 92 19.60 -6.52 -2.27
C VAL A 92 18.25 -6.02 -1.76
N THR A 93 17.43 -5.51 -2.66
CA THR A 93 16.12 -4.94 -2.31
C THR A 93 15.27 -4.83 -3.56
N THR A 94 13.95 -4.76 -3.36
CA THR A 94 12.99 -4.56 -4.43
C THR A 94 12.51 -3.12 -4.56
N ARG A 95 12.98 -2.22 -3.69
CA ARG A 95 12.35 -0.92 -3.54
C ARG A 95 13.05 0.20 -4.31
N GLN A 96 13.96 -0.12 -5.22
CA GLN A 96 14.62 0.91 -5.99
C GLN A 96 14.08 1.02 -7.41
N ALA A 97 13.32 0.04 -7.89
CA ALA A 97 12.72 0.05 -9.21
C ALA A 97 11.21 0.15 -9.05
N ALA A 98 10.60 1.10 -9.75
CA ALA A 98 9.20 1.45 -9.49
C ALA A 98 8.25 0.32 -9.86
N GLN A 99 8.45 -0.31 -11.03
CA GLN A 99 7.43 -1.19 -11.58
C GLN A 99 7.18 -2.42 -10.72
N LEU A 100 8.23 -3.07 -10.22
CA LEU A 100 8.03 -4.26 -9.39
C LEU A 100 7.61 -3.92 -7.97
N ARG A 101 8.16 -2.85 -7.39
CA ARG A 101 7.71 -2.37 -6.09
C ARG A 101 6.21 -2.15 -6.07
N ARG A 102 5.69 -1.46 -7.09
CA ARG A 102 4.28 -1.15 -7.11
C ARG A 102 3.42 -2.42 -7.16
N LYS A 103 3.85 -3.41 -7.95
CA LYS A 103 3.10 -4.65 -8.04
C LYS A 103 3.10 -5.38 -6.71
N LEU A 104 4.26 -5.48 -6.06
CA LEU A 104 4.31 -6.14 -4.76
C LEU A 104 3.49 -5.43 -3.70
N GLU A 105 3.37 -4.10 -3.75
CA GLU A 105 2.70 -3.38 -2.68
C GLU A 105 1.19 -3.39 -2.79
N PHE A 106 0.63 -4.08 -3.80
CA PHE A 106 -0.77 -4.49 -3.76
C PHE A 106 -1.11 -5.29 -2.51
N PHE A 107 -0.12 -5.90 -1.84
CA PHE A 107 -0.37 -6.83 -0.75
C PHE A 107 0.42 -6.43 0.49
N THR A 108 -0.16 -6.65 1.66
CA THR A 108 0.51 -6.32 2.91
C THR A 108 1.59 -7.33 3.25
N TYR A 109 1.30 -8.63 3.11
CA TYR A 109 2.26 -9.66 3.47
C TYR A 109 2.39 -10.65 2.32
N ILE A 110 3.59 -11.17 2.09
CA ILE A 110 3.79 -12.04 0.93
C ILE A 110 4.98 -12.97 1.17
N ARG A 111 4.83 -14.22 0.73
CA ARG A 111 5.89 -15.21 0.65
C ARG A 111 6.18 -15.51 -0.81
N PHE A 112 7.47 -15.59 -1.17
CA PHE A 112 7.87 -16.07 -2.49
C PHE A 112 9.31 -16.57 -2.45
N ASP A 113 9.62 -17.44 -3.41
CA ASP A 113 10.98 -17.76 -3.82
C ASP A 113 11.38 -16.82 -4.96
N LEU A 114 12.66 -16.78 -5.27
CA LEU A 114 13.19 -15.92 -6.33
C LEU A 114 14.01 -16.72 -7.34
N GLU A 115 13.90 -16.33 -8.60
CA GLU A 115 14.84 -16.69 -9.64
C GLU A 115 15.61 -15.42 -10.04
N LEU A 116 16.93 -15.45 -9.87
CA LEU A 116 17.82 -14.36 -10.22
C LEU A 116 18.46 -14.62 -11.56
N THR A 117 18.37 -13.65 -12.47
CA THR A 117 19.10 -13.70 -13.73
C THR A 117 19.97 -12.45 -13.85
N PHE A 118 21.19 -12.61 -14.34
CA PHE A 118 22.11 -11.49 -14.50
C PHE A 118 22.40 -11.27 -15.96
N VAL A 119 22.31 -10.02 -16.39
CA VAL A 119 22.67 -9.66 -17.76
C VAL A 119 23.89 -8.75 -17.69
N ILE A 120 25.04 -9.27 -18.09
CA ILE A 120 26.33 -8.60 -17.97
C ILE A 120 26.85 -8.29 -19.36
N THR A 121 27.18 -7.01 -19.61
CA THR A 121 27.69 -6.58 -20.91
C THR A 121 28.86 -5.60 -20.74
N SER A 122 29.73 -5.52 -21.75
CA SER A 122 30.95 -4.72 -21.65
C SER A 122 31.13 -3.81 -22.85
N THR A 123 31.82 -2.69 -22.63
CA THR A 123 32.09 -1.69 -23.65
C THR A 123 33.50 -1.15 -23.47
N GLN A 124 34.23 -1.07 -24.57
CA GLN A 124 35.54 -0.46 -24.60
C GLN A 124 35.41 1.06 -24.54
N GLN A 125 36.28 1.67 -23.79
CA GLN A 125 36.21 3.10 -23.55
C GLN A 125 37.30 3.82 -24.33
N PRO A 126 37.05 5.07 -24.70
CA PRO A 126 38.06 5.82 -25.48
C PRO A 126 39.37 5.99 -24.73
N SER A 127 40.46 5.94 -25.49
CA SER A 127 41.81 5.92 -24.94
C SER A 127 42.79 6.29 -26.03
N THR A 128 44.06 6.41 -25.66
CA THR A 128 45.14 6.63 -26.62
C THR A 128 46.03 5.40 -26.78
N THR A 129 45.78 4.33 -26.04
CA THR A 129 46.62 3.16 -26.09
C THR A 129 46.55 2.50 -27.47
N GLN A 130 47.72 2.23 -28.03
CA GLN A 130 47.84 1.53 -29.30
C GLN A 130 48.05 0.04 -29.08
N ASN A 131 47.71 -0.75 -30.11
CA ASN A 131 47.89 -2.20 -30.12
C ASN A 131 47.08 -2.87 -29.01
N GLN A 132 45.76 -2.77 -29.12
CA GLN A 132 44.84 -3.41 -28.18
C GLN A 132 44.36 -4.74 -28.76
N ASP A 133 44.59 -5.82 -28.02
CA ASP A 133 44.32 -7.21 -28.42
C ASP A 133 43.71 -7.99 -27.26
N ALA A 134 42.64 -7.45 -26.67
CA ALA A 134 42.12 -7.96 -25.40
C ALA A 134 41.64 -9.40 -25.48
N GLN A 135 41.97 -10.18 -24.45
CA GLN A 135 41.43 -11.52 -24.29
C GLN A 135 40.01 -11.46 -23.71
N ILE A 136 39.36 -12.62 -23.64
CA ILE A 136 37.95 -12.70 -23.28
C ILE A 136 37.80 -12.50 -21.78
N LEU A 137 36.71 -11.84 -21.37
CA LEU A 137 36.52 -11.47 -19.97
C LEU A 137 35.65 -12.48 -19.23
N THR A 138 36.12 -12.90 -18.07
CA THR A 138 35.34 -13.66 -17.11
C THR A 138 34.95 -12.74 -15.95
N HIS A 139 33.81 -13.03 -15.34
CA HIS A 139 33.26 -12.20 -14.27
C HIS A 139 32.93 -13.09 -13.08
N GLN A 140 33.08 -12.51 -11.90
CA GLN A 140 32.65 -13.15 -10.66
C GLN A 140 31.54 -12.34 -10.03
N ILE A 141 30.48 -13.04 -9.61
CA ILE A 141 29.42 -12.45 -8.78
C ILE A 141 29.34 -13.23 -7.48
N MET A 142 29.53 -12.54 -6.37
CA MET A 142 29.51 -13.11 -5.05
C MET A 142 28.30 -12.58 -4.27
N TYR A 143 27.63 -13.47 -3.55
CA TYR A 143 26.52 -13.12 -2.69
C TYR A 143 26.95 -13.27 -1.24
N VAL A 144 26.92 -12.17 -0.49
CA VAL A 144 27.32 -12.17 0.92
C VAL A 144 26.06 -12.04 1.77
N PRO A 145 25.65 -13.09 2.47
CA PRO A 145 24.54 -13.00 3.42
C PRO A 145 24.82 -11.96 4.49
N PRO A 146 23.79 -11.48 5.19
CA PRO A 146 24.02 -10.41 6.17
C PRO A 146 24.82 -10.91 7.37
N GLY A 147 25.81 -10.12 7.77
CA GLY A 147 26.77 -10.54 8.77
C GLY A 147 28.10 -11.02 8.24
N GLY A 148 28.15 -11.53 7.01
CA GLY A 148 29.40 -11.97 6.42
C GLY A 148 30.36 -10.82 6.17
N PRO A 149 31.66 -11.08 6.22
CA PRO A 149 32.62 -10.03 5.91
C PRO A 149 32.55 -9.62 4.44
N VAL A 150 32.94 -8.40 4.15
CA VAL A 150 32.77 -7.86 2.81
C VAL A 150 34.12 -7.48 2.22
N PRO A 151 34.30 -7.55 0.91
CA PRO A 151 35.56 -7.15 0.32
C PRO A 151 35.71 -5.64 0.30
N ASP A 152 36.90 -5.16 0.59
CA ASP A 152 37.19 -3.73 0.50
C ASP A 152 38.12 -3.39 -0.66
N LYS A 153 38.57 -4.37 -1.43
CA LYS A 153 39.38 -4.16 -2.62
C LYS A 153 39.15 -5.33 -3.58
N VAL A 154 39.47 -5.10 -4.85
CA VAL A 154 39.20 -6.11 -5.88
C VAL A 154 40.08 -7.34 -5.67
N ASP A 155 41.23 -7.16 -5.02
CA ASP A 155 42.09 -8.29 -4.71
C ASP A 155 42.11 -8.53 -3.19
N SER A 156 41.06 -9.15 -2.69
CA SER A 156 40.88 -9.38 -1.27
C SER A 156 40.70 -10.86 -1.05
N TYR A 157 41.11 -11.35 0.12
CA TYR A 157 40.90 -12.76 0.42
C TYR A 157 39.42 -13.14 0.42
N VAL A 158 38.51 -12.18 0.65
CA VAL A 158 37.07 -12.46 0.66
C VAL A 158 36.61 -13.14 -0.63
N TRP A 159 37.16 -12.75 -1.77
CA TRP A 159 36.76 -13.36 -3.04
C TRP A 159 37.09 -14.86 -3.10
N GLN A 160 37.71 -15.41 -2.06
CA GLN A 160 38.00 -16.84 -1.94
C GLN A 160 36.74 -17.69 -1.83
N THR A 161 35.68 -17.16 -1.24
CA THR A 161 34.31 -17.72 -1.29
C THR A 161 34.25 -19.18 -0.83
N SER A 162 34.79 -19.44 0.35
CA SER A 162 34.69 -20.80 0.88
C SER A 162 33.26 -21.21 1.21
N THR A 163 32.45 -20.28 1.67
CA THR A 163 31.09 -20.55 2.10
C THR A 163 30.07 -19.65 1.43
N ASN A 164 30.49 -18.54 0.80
CA ASN A 164 29.58 -17.67 0.05
C ASN A 164 29.36 -18.22 -1.35
N PRO A 165 28.11 -18.38 -1.78
CA PRO A 165 27.86 -18.76 -3.17
C PRO A 165 28.35 -17.70 -4.14
N SER A 166 29.06 -18.15 -5.16
CA SER A 166 29.56 -17.30 -6.23
C SER A 166 29.27 -17.95 -7.57
N VAL A 167 28.99 -17.13 -8.56
CA VAL A 167 28.86 -17.59 -9.94
C VAL A 167 29.98 -16.97 -10.77
N PHE A 168 30.64 -17.81 -11.55
CA PHE A 168 31.67 -17.39 -12.50
C PHE A 168 31.12 -17.53 -13.89
N TRP A 169 31.37 -16.54 -14.75
CA TRP A 169 30.69 -16.49 -16.05
C TRP A 169 31.55 -15.78 -17.09
N THR A 170 31.65 -16.39 -18.26
CA THR A 170 32.46 -15.90 -19.36
C THR A 170 31.57 -15.31 -20.45
N GLU A 171 31.98 -14.15 -20.97
CA GLU A 171 31.16 -13.40 -21.92
C GLU A 171 30.97 -14.16 -23.23
N GLY A 172 29.76 -14.09 -23.76
CA GLY A 172 29.37 -14.86 -24.92
C GLY A 172 28.42 -16.01 -24.63
N ASN A 173 28.47 -16.57 -23.44
CA ASN A 173 27.60 -17.67 -23.05
C ASN A 173 26.23 -17.16 -22.59
N ALA A 174 25.35 -18.10 -22.27
CA ALA A 174 24.02 -17.72 -21.81
C ALA A 174 24.12 -16.99 -20.47
N PRO A 175 23.16 -16.13 -20.15
CA PRO A 175 23.23 -15.37 -18.89
C PRO A 175 23.14 -16.28 -17.69
N PRO A 176 23.88 -15.99 -16.62
CA PRO A 176 23.85 -16.85 -15.44
C PRO A 176 22.58 -16.65 -14.61
N ARG A 177 22.15 -17.72 -13.96
CA ARG A 177 20.88 -17.74 -13.25
C ARG A 177 20.95 -18.66 -12.05
N MET A 178 20.32 -18.26 -10.93
CA MET A 178 20.19 -19.14 -9.77
C MET A 178 18.92 -18.82 -8.98
N SER A 179 18.45 -19.82 -8.22
CA SER A 179 17.27 -19.71 -7.38
C SER A 179 17.64 -19.42 -5.93
N ILE A 180 16.74 -18.73 -5.23
CA ILE A 180 16.86 -18.39 -3.81
C ILE A 180 15.55 -18.76 -3.12
N PRO A 181 15.58 -19.46 -2.00
CA PRO A 181 14.33 -19.78 -1.28
C PRO A 181 13.82 -18.58 -0.47
N PHE A 182 12.56 -18.67 -0.04
CA PHE A 182 12.01 -17.70 0.91
C PHE A 182 12.92 -17.60 2.14
N LEU A 183 13.39 -16.40 2.43
CA LEU A 183 14.57 -16.23 3.26
C LEU A 183 14.33 -15.45 4.55
N SER A 184 13.09 -15.27 4.95
CA SER A 184 12.81 -14.40 6.08
C SER A 184 12.89 -15.14 7.42
N ILE A 185 13.32 -14.41 8.45
CA ILE A 185 13.15 -14.91 9.81
C ILE A 185 11.70 -14.86 10.27
N GLY A 186 10.86 -14.04 9.65
CA GLY A 186 9.44 -14.04 9.90
C GLY A 186 8.73 -15.04 9.02
N ASN A 187 7.44 -15.23 9.30
CA ASN A 187 6.59 -16.16 8.55
C ASN A 187 6.17 -15.63 7.19
N ALA A 188 6.39 -14.34 6.91
CA ALA A 188 6.15 -13.68 5.62
C ALA A 188 7.02 -12.44 5.54
N TYR A 189 7.36 -12.02 4.33
CA TYR A 189 7.91 -10.69 4.16
C TYR A 189 6.81 -9.67 4.43
N SER A 190 7.16 -8.56 5.05
CA SER A 190 6.23 -7.46 5.23
C SER A 190 6.61 -6.29 4.34
N ASN A 191 5.70 -5.92 3.44
CA ASN A 191 5.83 -4.75 2.60
C ASN A 191 5.59 -3.43 3.33
N PHE A 192 4.93 -3.44 4.49
CA PHE A 192 4.65 -2.22 5.23
C PHE A 192 4.91 -2.48 6.72
N TYR A 193 5.47 -1.51 7.42
CA TYR A 193 5.77 -1.63 8.85
C TYR A 193 5.53 -0.30 9.53
N ASP A 194 4.46 -0.22 10.33
CA ASP A 194 4.04 0.99 11.03
C ASP A 194 4.63 0.95 12.45
N GLY A 195 5.92 1.24 12.54
CA GLY A 195 6.59 1.16 13.82
C GLY A 195 8.09 1.37 13.68
N TRP A 196 8.81 0.99 14.73
CA TRP A 196 10.24 1.26 14.88
C TRP A 196 10.98 -0.03 15.18
N SER A 197 12.30 0.03 15.09
CA SER A 197 13.13 -1.08 15.54
C SER A 197 13.59 -0.92 16.99
N ASP A 198 13.70 0.31 17.47
CA ASP A 198 14.13 0.60 18.84
C ASP A 198 12.92 0.77 19.75
N PHE A 199 13.03 0.24 20.96
CA PHE A 199 11.93 0.24 21.92
C PHE A 199 11.59 1.64 22.43
N SER A 200 12.45 2.62 22.23
CA SER A 200 12.11 3.98 22.66
C SER A 200 11.41 4.78 21.57
N ARG A 201 11.23 4.22 20.38
CA ARG A 201 10.63 4.89 19.23
C ARG A 201 11.31 6.22 18.90
N ASP A 202 12.58 6.37 19.26
CA ASP A 202 13.36 7.52 18.84
C ASP A 202 14.46 7.03 17.91
N GLY A 203 14.09 6.82 16.67
CA GLY A 203 14.95 6.28 15.65
C GLY A 203 14.31 6.58 14.32
N VAL A 204 14.69 5.82 13.30
CA VAL A 204 14.08 5.97 11.98
C VAL A 204 12.85 5.08 11.92
N TYR A 205 11.73 5.65 11.48
CA TYR A 205 10.44 4.99 11.44
C TYR A 205 10.32 4.13 10.19
N GLY A 206 9.67 2.98 10.33
CA GLY A 206 9.42 2.07 9.22
C GLY A 206 10.52 1.09 8.91
N ILE A 207 11.51 0.91 9.79
CA ILE A 207 12.68 0.08 9.54
C ILE A 207 12.59 -1.17 10.41
N ASN A 208 12.65 -2.33 9.77
CA ASN A 208 12.81 -3.63 10.41
C ASN A 208 13.88 -4.40 9.64
N THR A 209 14.09 -5.65 10.01
CA THR A 209 15.01 -6.53 9.29
C THR A 209 14.33 -7.82 8.84
N LEU A 210 13.01 -7.81 8.67
CA LEU A 210 12.31 -8.96 8.11
C LEU A 210 12.57 -9.17 6.62
N ASN A 211 13.05 -8.16 5.90
CA ASN A 211 13.35 -8.29 4.48
C ASN A 211 14.84 -8.30 4.18
N SER A 212 15.71 -8.38 5.19
CA SER A 212 17.14 -8.37 4.94
C SER A 212 17.54 -9.55 4.08
N MET A 213 18.18 -9.26 2.97
CA MET A 213 18.54 -10.33 2.03
C MET A 213 20.03 -10.42 1.76
N GLY A 214 20.82 -9.41 2.08
CA GLY A 214 22.26 -9.51 1.87
C GLY A 214 22.80 -8.53 0.83
N THR A 215 23.98 -8.84 0.33
CA THR A 215 24.70 -7.94 -0.55
C THR A 215 25.26 -8.73 -1.74
N LEU A 216 25.31 -8.10 -2.90
CA LEU A 216 25.93 -8.68 -4.08
C LEU A 216 27.14 -7.85 -4.50
N TYR A 217 28.24 -8.56 -4.79
CA TYR A 217 29.49 -7.97 -5.26
C TYR A 217 29.82 -8.55 -6.63
N ALA A 218 30.30 -7.72 -7.53
CA ALA A 218 30.66 -8.19 -8.87
C ALA A 218 31.99 -7.60 -9.33
N ARG A 219 32.84 -8.43 -9.94
CA ARG A 219 34.14 -7.97 -10.41
C ARG A 219 34.55 -8.68 -11.69
N HIS A 220 35.53 -8.08 -12.39
CA HIS A 220 36.29 -8.77 -13.43
C HIS A 220 37.32 -9.70 -12.77
N VAL A 221 37.39 -10.95 -13.23
CA VAL A 221 38.43 -11.85 -12.77
C VAL A 221 39.78 -11.52 -13.43
N ASN A 222 39.77 -11.33 -14.74
CA ASN A 222 40.93 -10.93 -15.51
C ASN A 222 40.66 -9.55 -16.11
N THR A 223 41.73 -8.85 -16.49
CA THR A 223 41.56 -7.51 -17.05
C THR A 223 41.43 -7.49 -18.57
N GLY A 224 41.67 -8.60 -19.25
CA GLY A 224 41.46 -8.59 -20.69
C GLY A 224 42.69 -8.17 -21.47
N GLY A 225 42.78 -6.89 -21.79
CA GLY A 225 43.90 -6.34 -22.52
C GLY A 225 44.38 -5.04 -21.90
N THR A 226 45.17 -4.30 -22.68
CA THR A 226 45.78 -3.07 -22.22
C THR A 226 44.84 -1.87 -22.21
N GLY A 227 43.72 -1.93 -22.92
CA GLY A 227 42.78 -0.83 -22.97
C GLY A 227 41.79 -0.80 -21.83
N PRO A 228 41.12 0.34 -21.64
CA PRO A 228 40.09 0.43 -20.58
C PRO A 228 38.75 -0.13 -21.05
N ILE A 229 38.07 -0.81 -20.14
CA ILE A 229 36.81 -1.48 -20.43
C ILE A 229 35.86 -1.28 -19.26
N LYS A 230 34.64 -0.86 -19.55
CA LYS A 230 33.61 -0.71 -18.52
C LYS A 230 32.52 -1.75 -18.75
N SER A 231 32.13 -2.45 -17.70
CA SER A 231 31.04 -3.40 -17.75
C SER A 231 29.86 -2.92 -16.93
N THR A 232 28.68 -3.45 -17.28
CA THR A 232 27.42 -3.14 -16.61
C THR A 232 26.72 -4.46 -16.29
N ILE A 233 26.25 -4.58 -15.05
CA ILE A 233 25.51 -5.75 -14.59
C ILE A 233 24.09 -5.32 -14.25
N ARG A 234 23.12 -5.99 -14.88
CA ARG A 234 21.71 -5.79 -14.64
C ARG A 234 21.16 -7.00 -13.91
N ILE A 235 20.38 -6.76 -12.88
CA ILE A 235 19.88 -7.81 -12.00
C ILE A 235 18.39 -7.95 -12.20
N TYR A 236 17.94 -9.18 -12.48
CA TYR A 236 16.54 -9.47 -12.75
C TYR A 236 15.99 -10.41 -11.69
N PHE A 237 14.88 -10.00 -11.07
CA PHE A 237 14.14 -10.77 -10.09
C PHE A 237 12.88 -11.33 -10.74
N LYS A 238 12.66 -12.64 -10.60
CA LYS A 238 11.36 -13.22 -10.89
C LYS A 238 10.84 -13.96 -9.66
N PRO A 239 9.76 -13.51 -9.03
CA PRO A 239 9.17 -14.29 -7.94
C PRO A 239 8.47 -15.55 -8.43
N LYS A 240 8.55 -16.60 -7.61
CA LYS A 240 7.95 -17.90 -7.87
C LYS A 240 7.31 -18.42 -6.59
N HIS A 241 6.30 -19.28 -6.74
CA HIS A 241 5.65 -19.96 -5.61
C HIS A 241 5.10 -18.94 -4.61
N VAL A 242 4.21 -18.10 -5.09
CA VAL A 242 3.80 -16.91 -4.37
C VAL A 242 2.58 -17.22 -3.50
N LYS A 243 2.59 -16.68 -2.29
CA LYS A 243 1.42 -16.58 -1.43
C LYS A 243 1.34 -15.16 -0.92
N ALA A 244 0.14 -14.59 -0.82
CA ALA A 244 0.01 -13.18 -0.45
C ALA A 244 -1.27 -12.93 0.33
N TRP A 245 -1.25 -11.89 1.17
CA TRP A 245 -2.31 -11.58 2.11
C TRP A 245 -2.53 -10.07 2.26
N ILE A 246 -3.80 -9.70 2.51
CA ILE A 246 -4.30 -8.38 2.89
C ILE A 246 -4.09 -7.34 1.78
N PRO A 247 -4.93 -7.40 0.73
CA PRO A 247 -4.81 -6.43 -0.37
C PRO A 247 -4.98 -4.99 0.07
N ARG A 248 -4.38 -4.08 -0.67
CA ARG A 248 -4.30 -2.66 -0.36
C ARG A 248 -4.64 -1.81 -1.56
N PRO A 249 -4.97 -0.54 -1.34
CA PRO A 249 -5.07 0.40 -2.46
C PRO A 249 -3.72 0.56 -3.14
N PRO A 250 -3.69 0.51 -4.47
CA PRO A 250 -2.44 0.71 -5.20
C PRO A 250 -1.90 2.12 -5.03
N ARG A 251 -0.58 2.22 -5.14
CA ARG A 251 0.14 3.48 -4.95
C ARG A 251 -0.29 4.54 -5.96
N LEU A 252 -0.80 5.65 -5.47
CA LEU A 252 -1.22 6.77 -6.32
C LEU A 252 -0.07 7.72 -6.65
N CYS A 253 0.55 8.30 -5.64
CA CYS A 253 1.63 9.27 -5.81
C CYS A 253 2.92 8.59 -6.26
N GLN A 254 3.73 9.34 -7.02
CA GLN A 254 5.03 8.84 -7.45
C GLN A 254 5.94 8.54 -6.26
N TYR A 255 6.81 7.55 -6.42
CA TYR A 255 7.77 7.17 -5.39
C TYR A 255 8.86 8.22 -5.28
N GLU A 256 9.33 8.42 -4.05
CA GLU A 256 10.40 9.38 -3.77
C GLU A 256 11.66 8.73 -3.22
N LYS A 257 11.55 7.86 -2.23
CA LYS A 257 12.69 7.28 -1.57
C LYS A 257 12.60 5.77 -1.62
N ALA A 258 13.76 5.12 -1.45
CA ALA A 258 13.80 3.66 -1.46
C ALA A 258 13.46 3.08 -0.10
N LYS A 259 13.66 3.84 0.97
CA LYS A 259 13.59 3.28 2.31
C LYS A 259 12.35 3.72 3.09
N ASN A 260 11.44 4.47 2.46
CA ASN A 260 10.24 4.94 3.13
C ASN A 260 9.16 5.18 2.08
N VAL A 261 7.98 5.54 2.56
CA VAL A 261 6.80 5.71 1.73
C VAL A 261 6.56 7.17 1.37
N ASN A 262 7.51 8.07 1.68
CA ASN A 262 7.29 9.51 1.53
C ASN A 262 6.86 9.90 0.12
N PHE A 263 5.89 10.82 0.04
CA PHE A 263 5.25 11.20 -1.22
C PHE A 263 5.03 12.70 -1.27
N GLN A 264 4.80 13.19 -2.48
CA GLN A 264 4.23 14.51 -2.74
C GLN A 264 2.75 14.37 -3.03
N PRO A 265 1.90 15.15 -2.37
CA PRO A 265 0.45 15.03 -2.57
C PRO A 265 0.05 15.23 -4.01
N SER A 266 -1.03 14.57 -4.42
CA SER A 266 -1.56 14.71 -5.77
C SER A 266 -3.05 14.40 -5.77
N GLY A 267 -3.73 14.95 -6.78
CA GLY A 267 -5.15 14.71 -6.95
C GLY A 267 -5.47 13.24 -7.14
N VAL A 268 -6.75 12.92 -6.92
CA VAL A 268 -7.18 11.52 -6.89
C VAL A 268 -7.34 10.94 -8.29
N THR A 269 -7.43 11.80 -9.30
CA THR A 269 -7.47 11.41 -10.71
C THR A 269 -7.18 12.67 -11.53
N THR A 270 -7.28 12.57 -12.86
CA THR A 270 -7.18 13.73 -13.71
C THR A 270 -8.58 14.26 -14.04
N THR A 271 -8.63 15.43 -14.65
CA THR A 271 -9.86 16.19 -14.73
C THR A 271 -10.54 16.05 -16.09
N ARG A 272 -11.80 16.45 -16.12
CA ARG A 272 -12.54 16.69 -17.35
C ARG A 272 -13.23 18.04 -17.22
N GLN A 273 -13.93 18.45 -18.27
CA GLN A 273 -14.43 19.83 -18.32
C GLN A 273 -15.65 20.03 -17.44
N SER A 274 -16.62 19.12 -17.51
CA SER A 274 -17.84 19.24 -16.72
C SER A 274 -18.33 17.85 -16.31
N ILE A 275 -19.30 17.83 -15.40
CA ILE A 275 -19.80 16.57 -14.86
C ILE A 275 -20.62 15.76 -15.85
N THR A 276 -20.97 16.32 -17.01
CA THR A 276 -21.62 15.56 -18.08
C THR A 276 -20.72 15.37 -19.29
N ALA A 277 -19.48 15.84 -19.24
CA ALA A 277 -18.58 15.76 -20.38
C ALA A 277 -18.22 14.31 -20.67
N MET A 278 -18.20 13.95 -21.95
CA MET A 278 -17.97 12.57 -22.35
C MET A 278 -16.52 12.25 -22.69
N THR A 279 -15.61 13.22 -22.63
CA THR A 279 -14.20 13.00 -22.93
C THR A 279 -13.32 13.50 -21.78
N ASN A 280 -12.06 13.06 -21.79
CA ASN A 280 -11.10 13.50 -20.80
C ASN A 280 -10.49 14.85 -21.18
N THR A 281 -9.83 15.48 -20.22
CA THR A 281 -8.97 16.61 -20.51
C THR A 281 -7.54 16.33 -20.05
N GLY B 8 -41.88 -8.93 18.81
CA GLY B 8 -41.40 -9.29 17.49
C GLY B 8 -39.89 -9.30 17.36
N TYR B 9 -39.36 -8.78 16.25
CA TYR B 9 -37.92 -8.69 16.07
C TYR B 9 -37.59 -7.59 15.08
N SER B 10 -36.36 -7.09 15.17
CA SER B 10 -35.80 -6.08 14.28
C SER B 10 -34.30 -6.29 14.18
N ASP B 11 -33.78 -6.23 12.96
CA ASP B 11 -32.34 -6.39 12.76
C ASP B 11 -31.60 -5.06 12.88
N ARG B 12 -32.26 -4.03 13.41
CA ARG B 12 -31.60 -2.77 13.69
C ARG B 12 -31.08 -2.66 15.12
N VAL B 13 -31.54 -3.49 16.03
CA VAL B 13 -31.13 -3.41 17.43
C VAL B 13 -29.96 -4.38 17.64
N ARG B 14 -29.07 -4.05 18.56
CA ARG B 14 -27.94 -4.92 18.87
C ARG B 14 -27.43 -4.64 20.28
N SER B 15 -27.02 -5.70 20.97
CA SER B 15 -26.33 -5.66 22.26
C SER B 15 -25.03 -6.47 22.19
N ILE B 16 -23.99 -5.92 22.78
CA ILE B 16 -22.66 -6.54 22.82
C ILE B 16 -22.11 -6.43 24.23
N THR B 17 -21.87 -7.56 24.88
CA THR B 17 -21.41 -7.63 26.26
C THR B 17 -20.01 -8.22 26.31
N LEU B 18 -19.10 -7.56 27.02
CA LEU B 18 -17.74 -8.06 27.21
C LEU B 18 -17.26 -7.67 28.60
N GLY B 19 -16.80 -8.66 29.36
CA GLY B 19 -16.39 -8.40 30.72
C GLY B 19 -17.53 -7.78 31.51
N ASN B 20 -17.24 -6.69 32.21
CA ASN B 20 -18.23 -5.99 33.02
C ASN B 20 -18.88 -4.83 32.27
N SER B 21 -18.81 -4.83 30.94
CA SER B 21 -19.33 -3.76 30.10
C SER B 21 -20.32 -4.28 29.07
N THR B 22 -21.28 -3.44 28.69
CA THR B 22 -22.22 -3.77 27.64
C THR B 22 -22.57 -2.51 26.86
N ILE B 23 -22.80 -2.69 25.56
CA ILE B 23 -23.15 -1.59 24.66
C ILE B 23 -24.42 -1.98 23.93
N THR B 24 -25.32 -1.02 23.79
CA THR B 24 -26.57 -1.20 23.07
C THR B 24 -26.66 -0.20 21.94
N THR B 25 -27.43 -0.55 20.92
CA THR B 25 -27.70 0.37 19.83
C THR B 25 -29.03 0.02 19.18
N GLN B 26 -29.77 1.05 18.78
CA GLN B 26 -31.09 0.89 18.19
C GLN B 26 -31.15 1.24 16.71
N GLU B 27 -30.10 1.82 16.14
CA GLU B 27 -30.09 2.09 14.69
C GLU B 27 -28.71 1.67 14.17
N CYS B 28 -28.55 0.39 13.91
CA CYS B 28 -27.29 -0.13 13.43
C CYS B 28 -27.48 -0.76 12.06
N ALA B 29 -26.37 -1.14 11.43
CA ALA B 29 -26.45 -1.68 10.07
C ALA B 29 -26.31 -3.20 10.05
N ASN B 30 -25.19 -3.70 10.54
CA ASN B 30 -24.84 -5.12 10.61
C ASN B 30 -23.56 -5.12 11.43
N VAL B 31 -22.83 -6.21 11.47
CA VAL B 31 -21.49 -6.21 12.08
C VAL B 31 -20.51 -6.79 11.06
N VAL B 32 -19.45 -6.05 10.79
CA VAL B 32 -18.40 -6.53 9.90
C VAL B 32 -17.40 -7.34 10.72
N VAL B 33 -17.10 -8.55 10.25
CA VAL B 33 -16.11 -9.42 10.86
C VAL B 33 -14.91 -9.45 9.94
N GLY B 34 -13.89 -8.66 10.26
CA GLY B 34 -12.53 -8.78 9.76
C GLY B 34 -12.37 -9.14 8.30
N TYR B 35 -11.82 -10.32 8.07
CA TYR B 35 -11.77 -10.99 6.77
C TYR B 35 -12.47 -12.34 6.87
N GLY B 36 -13.64 -12.36 7.50
CA GLY B 36 -14.35 -13.58 7.82
C GLY B 36 -13.85 -14.33 9.04
N VAL B 37 -12.85 -13.81 9.75
CA VAL B 37 -12.16 -14.56 10.80
C VAL B 37 -12.44 -13.93 12.16
N TRP B 38 -13.02 -14.70 13.04
CA TRP B 38 -13.27 -14.32 14.43
C TRP B 38 -11.99 -14.51 15.27
N PRO B 39 -11.73 -13.62 16.23
CA PRO B 39 -10.50 -13.73 17.03
C PRO B 39 -10.45 -14.95 17.96
N ASP B 40 -9.22 -15.40 18.22
CA ASP B 40 -8.97 -16.60 19.02
C ASP B 40 -7.53 -16.60 19.52
N TYR B 41 -7.29 -17.39 20.56
CA TYR B 41 -5.95 -17.56 21.10
C TYR B 41 -5.05 -18.32 20.13
N LEU B 42 -3.75 -18.05 20.24
CA LEU B 42 -2.74 -18.71 19.42
C LEU B 42 -2.60 -20.19 19.79
N LYS B 43 -2.47 -21.05 18.78
CA LYS B 43 -2.46 -22.48 18.98
C LYS B 43 -1.05 -23.04 19.11
N ASP B 44 -0.97 -24.28 19.63
CA ASP B 44 0.31 -24.94 19.87
C ASP B 44 1.17 -25.04 18.62
N ASN B 45 0.57 -25.41 17.49
CA ASN B 45 1.33 -25.62 16.27
C ASN B 45 1.63 -24.34 15.50
N GLU B 46 1.35 -23.18 16.07
CA GLU B 46 1.83 -21.91 15.52
C GLU B 46 2.60 -21.07 16.52
N ALA B 47 2.85 -21.59 17.71
CA ALA B 47 3.56 -20.82 18.72
C ALA B 47 5.07 -20.94 18.54
N THR B 48 5.78 -19.90 18.95
CA THR B 48 7.24 -19.98 19.02
C THR B 48 7.80 -19.69 20.41
N ALA B 49 7.20 -18.77 21.17
CA ALA B 49 7.65 -18.46 22.52
C ALA B 49 7.24 -19.57 23.50
N GLU B 50 8.20 -20.05 24.28
CA GLU B 50 8.04 -21.29 25.04
C GLU B 50 7.43 -21.11 26.43
N ASP B 51 7.44 -19.91 27.00
CA ASP B 51 6.94 -19.74 28.35
C ASP B 51 5.41 -19.80 28.37
N GLN B 52 4.86 -20.07 29.56
CA GLN B 52 3.41 -20.18 29.74
C GLN B 52 2.77 -18.78 29.73
N PRO B 53 1.86 -18.48 28.80
CA PRO B 53 1.28 -17.15 28.72
C PRO B 53 0.20 -16.91 29.78
N THR B 54 0.09 -15.65 30.15
CA THR B 54 -1.00 -15.19 31.00
C THR B 54 -2.18 -14.77 30.13
N GLN B 55 -3.40 -15.09 30.59
CA GLN B 55 -4.62 -14.77 29.86
C GLN B 55 -5.63 -14.11 30.80
N PRO B 56 -5.62 -12.78 30.91
CA PRO B 56 -6.36 -12.10 31.99
C PRO B 56 -7.90 -12.10 31.84
N ASP B 57 -8.43 -12.00 30.62
CA ASP B 57 -9.75 -12.49 30.20
C ASP B 57 -11.06 -11.80 30.62
N VAL B 58 -11.11 -11.06 31.71
CA VAL B 58 -12.13 -10.02 31.88
C VAL B 58 -11.51 -8.72 32.33
N ALA B 59 -10.34 -8.77 32.98
CA ALA B 59 -9.66 -7.56 33.38
C ALA B 59 -9.21 -6.75 32.18
N THR B 60 -8.97 -7.39 31.04
CA THR B 60 -8.53 -6.69 29.83
C THR B 60 -9.47 -6.81 28.63
N CYS B 61 -10.39 -7.75 28.59
CA CYS B 61 -11.26 -7.90 27.42
C CYS B 61 -12.64 -7.31 27.73
N ARG B 62 -12.76 -6.01 27.46
CA ARG B 62 -13.87 -5.16 27.88
C ARG B 62 -13.78 -3.85 27.12
N PHE B 63 -14.86 -3.08 27.14
CA PHE B 63 -14.95 -1.83 26.38
C PHE B 63 -14.29 -0.66 27.14
N TYR B 64 -13.40 0.05 26.44
CA TYR B 64 -12.83 1.31 26.91
C TYR B 64 -13.33 2.43 26.01
N THR B 65 -13.88 3.48 26.61
CA THR B 65 -14.38 4.62 25.86
C THR B 65 -13.35 5.76 25.87
N LEU B 66 -12.93 6.21 24.70
CA LEU B 66 -11.94 7.26 24.53
C LEU B 66 -12.57 8.64 24.62
N ASP B 67 -11.73 9.67 24.56
CA ASP B 67 -12.20 11.05 24.54
C ASP B 67 -12.96 11.37 23.26
N SER B 68 -14.05 12.12 23.40
CA SER B 68 -14.91 12.45 22.27
C SER B 68 -14.24 13.49 21.37
N VAL B 69 -14.83 13.66 20.18
CA VAL B 69 -14.31 14.55 19.14
C VAL B 69 -15.46 15.24 18.41
N GLN B 70 -15.29 16.53 18.10
CA GLN B 70 -16.33 17.33 17.47
C GLN B 70 -16.28 17.25 15.93
N TRP B 71 -17.42 16.92 15.33
CA TRP B 71 -17.58 16.97 13.89
C TRP B 71 -18.03 18.36 13.48
N GLN B 72 -17.14 19.14 12.89
CA GLN B 72 -17.44 20.45 12.37
C GLN B 72 -17.68 20.35 10.88
N LYS B 73 -18.26 21.40 10.31
CA LYS B 73 -18.60 21.35 8.89
C LYS B 73 -17.35 21.24 8.01
N THR B 74 -16.17 21.58 8.52
CA THR B 74 -14.96 21.52 7.71
C THR B 74 -13.98 20.45 8.18
N SER B 75 -14.37 19.59 9.12
CA SER B 75 -13.47 18.55 9.63
C SER B 75 -12.91 17.67 8.52
N PRO B 76 -11.59 17.55 8.40
CA PRO B 76 -11.04 16.56 7.44
C PRO B 76 -11.14 15.12 7.91
N GLY B 77 -11.02 14.81 9.19
CA GLY B 77 -11.06 13.44 9.66
C GLY B 77 -10.05 13.16 10.76
N TRP B 78 -10.11 11.93 11.31
CA TRP B 78 -9.34 11.52 12.47
C TRP B 78 -8.75 10.12 12.31
N TRP B 79 -7.69 9.83 13.09
CA TRP B 79 -7.14 8.49 13.15
C TRP B 79 -6.60 8.17 14.55
N TRP B 80 -6.55 6.87 14.86
CA TRP B 80 -6.06 6.34 16.15
C TRP B 80 -5.27 5.06 15.89
N LYS B 81 -4.00 5.02 16.30
CA LYS B 81 -3.24 3.77 16.29
C LYS B 81 -3.62 2.89 17.50
N LEU B 82 -3.90 1.60 17.24
CA LEU B 82 -4.75 0.89 18.19
C LEU B 82 -4.10 0.41 19.47
N PRO B 83 -3.00 -0.35 19.45
CA PRO B 83 -2.39 -0.69 20.74
C PRO B 83 -2.12 0.58 21.54
N ASP B 84 -1.61 1.61 20.86
CA ASP B 84 -1.17 2.82 21.54
C ASP B 84 -2.33 3.62 22.13
N ALA B 85 -3.47 3.63 21.44
CA ALA B 85 -4.62 4.38 21.96
C ALA B 85 -5.02 3.91 23.35
N LEU B 86 -4.91 2.61 23.62
CA LEU B 86 -5.26 2.04 24.90
C LEU B 86 -4.07 1.85 25.85
N SER B 87 -2.90 2.37 25.52
CA SER B 87 -1.69 1.99 26.24
C SER B 87 -1.60 2.55 27.66
N ASN B 88 -2.35 3.60 28.01
CA ASN B 88 -2.30 4.17 29.35
C ASN B 88 -3.55 3.84 30.15
N LEU B 89 -4.24 2.77 29.79
CA LEU B 89 -5.66 2.70 30.13
C LEU B 89 -5.96 1.34 30.76
N GLY B 90 -6.09 1.32 32.08
CA GLY B 90 -6.45 0.11 32.80
C GLY B 90 -5.38 -0.97 32.84
N LEU B 91 -5.86 -2.18 33.14
CA LEU B 91 -4.97 -3.32 33.19
C LEU B 91 -4.51 -3.79 31.81
N PHE B 92 -5.22 -3.42 30.73
CA PHE B 92 -4.65 -3.60 29.40
C PHE B 92 -3.35 -2.82 29.25
N GLY B 93 -3.34 -1.56 29.71
CA GLY B 93 -2.12 -0.79 29.73
C GLY B 93 -1.05 -1.38 30.62
N GLN B 94 -1.44 -1.84 31.82
CA GLN B 94 -0.43 -2.41 32.72
C GLN B 94 0.22 -3.66 32.11
N ASN B 95 -0.59 -4.55 31.53
CA ASN B 95 -0.04 -5.75 30.93
C ASN B 95 0.82 -5.42 29.71
N MET B 96 0.46 -4.41 28.93
CA MET B 96 1.38 -3.90 27.90
C MET B 96 2.70 -3.47 28.51
N GLN B 97 2.67 -2.84 29.69
CA GLN B 97 3.90 -2.29 30.23
C GLN B 97 4.82 -3.35 30.83
N TYR B 98 4.29 -4.48 31.27
CA TYR B 98 5.12 -5.44 31.97
C TYR B 98 5.60 -6.60 31.11
N HIS B 99 5.21 -6.68 29.84
CA HIS B 99 5.52 -7.84 29.03
C HIS B 99 6.22 -7.43 27.74
N TYR B 100 7.17 -8.26 27.34
CA TYR B 100 7.84 -8.14 26.05
C TYR B 100 6.85 -8.33 24.90
N LEU B 101 5.96 -9.33 24.99
CA LEU B 101 5.15 -9.79 23.87
C LEU B 101 3.65 -9.76 24.19
N GLY B 102 2.85 -9.45 23.16
CA GLY B 102 1.40 -9.42 23.29
C GLY B 102 0.68 -9.80 22.01
N ARG B 103 -0.57 -10.23 22.17
CA ARG B 103 -1.41 -10.63 21.04
C ARG B 103 -2.88 -10.39 21.34
N THR B 104 -3.59 -9.74 20.41
CA THR B 104 -4.98 -9.35 20.64
C THR B 104 -5.72 -9.08 19.33
N GLY B 105 -7.03 -9.30 19.37
CA GLY B 105 -7.96 -8.70 18.44
C GLY B 105 -8.76 -7.58 19.07
N TYR B 106 -9.78 -7.11 18.33
CA TYR B 106 -10.55 -5.97 18.79
C TYR B 106 -12.01 -6.02 18.34
N THR B 107 -12.87 -5.42 19.14
CA THR B 107 -14.21 -5.02 18.74
C THR B 107 -14.24 -3.49 18.80
N ILE B 108 -14.40 -2.85 17.65
CA ILE B 108 -14.43 -1.39 17.55
C ILE B 108 -15.86 -0.94 17.31
N HIS B 109 -16.28 0.11 18.02
CA HIS B 109 -17.65 0.63 17.95
C HIS B 109 -17.62 2.16 17.93
N VAL B 110 -18.10 2.75 16.84
CA VAL B 110 -18.06 4.20 16.64
C VAL B 110 -19.49 4.75 16.67
N GLN B 111 -19.72 5.76 17.50
CA GLN B 111 -21.06 6.28 17.78
C GLN B 111 -21.15 7.75 17.37
N CYS B 112 -22.24 8.10 16.67
CA CYS B 112 -22.55 9.49 16.32
C CYS B 112 -24.03 9.59 15.97
N ASN B 113 -24.81 10.25 16.82
CA ASN B 113 -26.22 10.46 16.58
C ASN B 113 -26.48 11.90 16.16
N ALA B 114 -27.56 12.09 15.43
CA ALA B 114 -28.04 13.41 15.02
C ALA B 114 -29.48 13.25 14.57
N SER B 115 -30.17 14.37 14.38
CA SER B 115 -31.59 14.33 14.10
C SER B 115 -31.88 13.92 12.65
N LYS B 116 -33.16 13.67 12.37
CA LYS B 116 -33.65 13.44 11.02
C LYS B 116 -33.53 14.67 10.13
N PHE B 117 -33.09 15.80 10.67
CA PHE B 117 -32.87 17.01 9.91
C PHE B 117 -31.39 17.31 9.66
N HIS B 118 -30.46 16.54 10.22
CA HIS B 118 -29.04 16.69 9.89
C HIS B 118 -28.67 15.73 8.77
N GLN B 119 -27.59 16.03 8.06
CA GLN B 119 -27.08 15.14 7.02
C GLN B 119 -25.56 15.10 7.01
N GLY B 120 -25.01 13.95 6.66
CA GLY B 120 -23.57 13.77 6.58
C GLY B 120 -23.23 12.29 6.55
N CYS B 121 -22.00 12.00 6.11
CA CYS B 121 -21.58 10.61 5.91
C CYS B 121 -20.10 10.39 6.23
N LEU B 122 -19.83 9.41 7.09
CA LEU B 122 -18.49 9.09 7.55
C LEU B 122 -18.09 7.69 7.11
N LEU B 123 -16.85 7.54 6.69
CA LEU B 123 -16.25 6.23 6.50
C LEU B 123 -15.52 5.82 7.78
N VAL B 124 -15.75 4.59 8.23
CA VAL B 124 -15.09 4.01 9.40
C VAL B 124 -14.31 2.81 8.89
N VAL B 125 -12.97 2.88 8.94
CA VAL B 125 -12.09 1.84 8.39
C VAL B 125 -11.05 1.41 9.41
N CYS B 126 -10.66 0.12 9.35
CA CYS B 126 -9.59 -0.41 10.19
C CYS B 126 -8.45 -0.90 9.29
N VAL B 127 -7.33 -0.18 9.30
CA VAL B 127 -6.26 -0.30 8.31
C VAL B 127 -5.10 -1.08 8.93
N PRO B 128 -4.79 -2.27 8.46
CA PRO B 128 -3.57 -2.95 8.92
C PRO B 128 -2.32 -2.27 8.38
N GLU B 129 -1.37 -1.99 9.29
CA GLU B 129 -0.03 -1.48 8.97
C GLU B 129 -0.07 -0.14 8.22
N ALA B 130 -0.56 0.89 8.91
CA ALA B 130 -0.77 2.19 8.31
C ALA B 130 0.49 3.04 8.47
N GLU B 131 1.52 2.68 7.70
CA GLU B 131 2.77 3.43 7.70
C GLU B 131 2.59 4.75 6.95
N MET B 132 2.81 5.87 7.63
CA MET B 132 2.48 7.18 7.10
C MET B 132 3.73 7.91 6.61
N GLY B 133 3.51 8.96 5.85
CA GLY B 133 4.58 9.68 5.21
C GLY B 133 4.92 10.98 5.91
N CYS B 134 6.15 11.43 5.73
CA CYS B 134 6.62 12.69 6.30
C CYS B 134 6.47 13.80 5.28
N ALA B 135 6.17 15.00 5.77
CA ALA B 135 6.17 16.18 4.90
C ALA B 135 7.54 16.46 4.29
N THR B 136 8.62 16.19 5.01
CA THR B 136 9.98 16.41 4.52
C THR B 136 10.50 15.10 3.94
N LEU B 137 10.78 15.10 2.63
CA LEU B 137 10.93 13.83 1.91
C LEU B 137 12.10 13.00 2.43
N ASP B 138 13.18 13.63 2.88
CA ASP B 138 14.31 12.89 3.45
C ASP B 138 14.04 12.37 4.85
N ASN B 139 13.17 13.01 5.61
CA ASN B 139 12.93 12.65 7.00
C ASN B 139 11.83 11.61 7.11
N THR B 140 11.62 11.12 8.32
CA THR B 140 10.46 10.35 8.72
C THR B 140 9.81 10.98 9.94
N PRO B 141 8.50 10.87 10.10
CA PRO B 141 7.83 11.64 11.16
C PRO B 141 8.14 11.15 12.55
N SER B 142 8.12 12.10 13.49
CA SER B 142 8.40 11.80 14.88
C SER B 142 7.23 11.06 15.51
N SER B 143 7.50 10.46 16.67
CA SER B 143 6.47 9.72 17.40
C SER B 143 5.31 10.61 17.82
N ALA B 144 5.59 11.81 18.33
CA ALA B 144 4.54 12.71 18.78
C ALA B 144 3.59 13.09 17.65
N GLU B 145 4.05 13.05 16.41
CA GLU B 145 3.21 13.41 15.28
C GLU B 145 2.28 12.26 14.90
N LEU B 146 2.74 11.03 15.08
CA LEU B 146 2.02 9.85 14.65
C LEU B 146 1.10 9.30 15.73
N LEU B 147 1.52 9.35 16.98
CA LEU B 147 0.82 8.72 18.08
C LEU B 147 0.06 9.77 18.86
N GLY B 148 -1.26 9.73 18.77
CA GLY B 148 -2.09 10.64 19.51
C GLY B 148 -2.20 10.29 20.98
N GLY B 149 -2.13 9.00 21.30
CA GLY B 149 -2.13 8.55 22.67
C GLY B 149 -3.40 8.89 23.44
N ASP B 150 -4.49 8.21 23.09
CA ASP B 150 -5.80 8.36 23.72
C ASP B 150 -6.50 9.67 23.35
N ALA B 151 -5.79 10.57 22.69
CA ALA B 151 -6.38 11.72 22.02
C ALA B 151 -6.30 11.50 20.51
N ALA B 152 -7.35 11.87 19.80
CA ALA B 152 -7.38 11.65 18.36
C ALA B 152 -6.37 12.55 17.65
N LYS B 153 -5.80 12.03 16.57
CA LYS B 153 -5.00 12.84 15.66
C LYS B 153 -5.86 13.28 14.49
N GLU B 154 -5.64 14.50 14.02
CA GLU B 154 -6.43 15.11 12.96
C GLU B 154 -5.73 15.07 11.61
N PHE B 155 -6.50 14.82 10.55
CA PHE B 155 -6.08 15.06 9.18
C PHE B 155 -6.13 16.56 8.85
N ALA B 156 -5.58 16.92 7.71
CA ALA B 156 -5.62 18.31 7.25
C ALA B 156 -6.37 18.42 5.93
N GLY B 157 -6.76 19.66 5.61
CA GLY B 157 -7.43 19.95 4.37
C GLY B 157 -6.53 20.26 3.19
N GLU B 158 -5.34 20.80 3.45
CA GLU B 158 -4.36 21.16 2.45
C GLU B 158 -3.02 20.49 2.73
N PRO B 159 -2.12 20.43 1.73
CA PRO B 159 -0.83 19.77 1.96
C PRO B 159 -0.01 20.48 3.01
N ILE B 160 0.64 19.70 3.84
CA ILE B 160 1.56 20.21 4.86
C ILE B 160 2.80 20.72 4.15
N ALA B 161 3.23 21.93 4.49
CA ALA B 161 4.38 22.53 3.84
C ALA B 161 5.67 21.80 4.23
N SER B 162 6.56 21.65 3.26
CA SER B 162 7.85 21.04 3.48
C SER B 162 8.80 22.06 4.09
N GLY B 163 9.57 21.61 5.07
CA GLY B 163 10.62 22.41 5.65
C GLY B 163 11.84 21.55 5.88
N SER B 164 12.38 21.58 7.09
CA SER B 164 13.33 20.57 7.53
C SER B 164 12.81 19.95 8.82
N ASN B 165 11.53 19.59 8.81
CA ASN B 165 10.76 19.21 9.98
C ASN B 165 10.56 17.69 10.04
N LYS B 166 9.74 17.25 10.99
CA LYS B 166 9.38 15.85 11.13
C LYS B 166 7.87 15.70 11.21
N LEU B 167 7.14 16.52 10.48
CA LEU B 167 5.69 16.49 10.51
C LEU B 167 5.14 15.39 9.59
N VAL B 168 3.94 14.91 9.91
CA VAL B 168 3.25 13.98 9.02
C VAL B 168 2.68 14.75 7.84
N GLN B 169 2.83 14.19 6.64
CA GLN B 169 2.12 14.71 5.47
C GLN B 169 0.65 14.29 5.62
N ARG B 170 -0.18 15.22 6.04
CA ARG B 170 -1.45 14.95 6.71
C ARG B 170 -2.67 15.05 5.79
N VAL B 171 -2.50 15.36 4.51
CA VAL B 171 -3.65 15.78 3.69
C VAL B 171 -4.61 14.60 3.48
N VAL B 172 -5.90 14.87 3.65
CA VAL B 172 -6.87 13.79 3.79
C VAL B 172 -7.02 12.96 2.51
N TYR B 173 -6.99 13.57 1.33
CA TYR B 173 -7.33 12.78 0.16
C TYR B 173 -6.23 11.81 -0.26
N ASN B 174 -5.08 11.82 0.39
CA ASN B 174 -4.11 10.75 0.24
C ASN B 174 -3.99 9.88 1.48
N ALA B 175 -4.87 10.10 2.46
CA ALA B 175 -4.97 9.28 3.68
C ALA B 175 -3.63 9.17 4.41
N GLY B 176 -2.79 10.17 4.26
CA GLY B 176 -1.46 10.14 4.85
C GLY B 176 -0.56 9.06 4.29
N MET B 177 -1.01 8.36 3.25
CA MET B 177 -0.32 7.15 2.81
C MET B 177 0.04 7.13 1.32
N GLY B 178 -0.09 8.25 0.62
CA GLY B 178 0.16 8.28 -0.82
C GLY B 178 -0.74 7.39 -1.67
N ILE B 179 -2.03 7.31 -1.33
CA ILE B 179 -3.00 6.50 -2.06
C ILE B 179 -4.24 7.32 -2.31
N GLY B 180 -5.17 6.80 -3.13
CA GLY B 180 -6.46 7.41 -3.29
C GLY B 180 -7.41 7.00 -2.17
N VAL B 181 -7.99 7.99 -1.51
CA VAL B 181 -8.77 7.73 -0.30
C VAL B 181 -10.07 6.97 -0.58
N GLY B 182 -10.69 7.18 -1.75
CA GLY B 182 -11.84 6.39 -2.15
C GLY B 182 -11.57 4.90 -2.31
N ASN B 183 -10.32 4.47 -2.39
CA ASN B 183 -10.04 3.04 -2.47
C ASN B 183 -9.85 2.40 -1.10
N LEU B 184 -10.10 3.13 -0.01
CA LEU B 184 -9.94 2.58 1.33
C LEU B 184 -10.97 1.49 1.67
N THR B 185 -11.95 1.22 0.80
CA THR B 185 -12.96 0.21 1.06
C THR B 185 -12.47 -1.22 0.81
N ILE B 186 -11.26 -1.41 0.29
CA ILE B 186 -10.69 -2.77 0.27
C ILE B 186 -10.44 -3.28 1.70
N PHE B 187 -10.31 -2.39 2.68
CA PHE B 187 -10.11 -2.79 4.05
C PHE B 187 -11.46 -3.00 4.76
N PRO B 188 -11.45 -3.64 5.94
CA PRO B 188 -12.70 -3.79 6.70
C PRO B 188 -13.26 -2.44 7.17
N HIS B 189 -14.56 -2.25 6.96
CA HIS B 189 -15.14 -0.90 7.11
C HIS B 189 -16.66 -0.93 7.14
N GLN B 190 -17.23 0.22 7.53
CA GLN B 190 -18.64 0.55 7.47
C GLN B 190 -18.79 2.04 7.14
N TRP B 191 -20.02 2.46 6.85
CA TRP B 191 -20.36 3.88 6.72
C TRP B 191 -21.37 4.24 7.78
N ILE B 192 -21.17 5.38 8.43
CA ILE B 192 -22.18 6.00 9.28
C ILE B 192 -22.82 7.12 8.45
N ASN B 193 -24.03 6.89 7.99
CA ASN B 193 -24.77 7.82 7.15
C ASN B 193 -25.93 8.34 7.98
N LEU B 194 -25.90 9.64 8.29
CA LEU B 194 -26.77 10.18 9.34
C LEU B 194 -28.25 9.90 9.11
N ARG B 195 -28.73 9.73 7.88
CA ARG B 195 -30.14 9.41 7.69
C ARG B 195 -30.47 7.92 7.85
N THR B 196 -29.48 7.03 8.04
CA THR B 196 -29.74 5.60 8.12
C THR B 196 -29.31 4.98 9.43
N ASN B 197 -28.33 5.55 10.12
CA ASN B 197 -27.43 4.79 10.95
C ASN B 197 -26.76 5.71 11.97
N ASN B 198 -26.68 5.29 13.24
CA ASN B 198 -25.93 6.06 14.23
C ASN B 198 -24.76 5.28 14.85
N SER B 199 -24.36 4.14 14.28
CA SER B 199 -23.32 3.31 14.88
C SER B 199 -22.60 2.52 13.79
N ALA B 200 -21.31 2.26 14.01
CA ALA B 200 -20.54 1.33 13.20
C ALA B 200 -19.79 0.36 14.10
N THR B 201 -19.74 -0.92 13.70
CA THR B 201 -19.09 -1.95 14.51
C THR B 201 -18.24 -2.83 13.60
N ILE B 202 -16.98 -2.99 13.97
CA ILE B 202 -16.06 -3.86 13.24
C ILE B 202 -15.38 -4.78 14.23
N VAL B 203 -15.42 -6.07 13.96
CA VAL B 203 -14.66 -7.05 14.73
C VAL B 203 -13.43 -7.39 13.90
N MET B 204 -12.26 -7.17 14.49
CA MET B 204 -10.96 -7.26 13.85
C MET B 204 -10.13 -8.36 14.49
N PRO B 205 -9.68 -9.36 13.73
CA PRO B 205 -8.77 -10.37 14.28
C PRO B 205 -7.33 -9.88 14.29
N TYR B 206 -6.49 -10.58 15.03
CA TYR B 206 -5.07 -10.30 15.01
C TYR B 206 -4.49 -10.50 13.62
N THR B 207 -3.68 -9.54 13.17
CA THR B 207 -3.04 -9.58 11.87
C THR B 207 -1.58 -9.16 11.99
N ASN B 208 -0.67 -9.98 11.45
CA ASN B 208 0.77 -9.73 11.55
C ASN B 208 1.49 -10.80 10.74
N SER B 209 2.73 -10.51 10.37
CA SER B 209 3.61 -11.49 9.75
C SER B 209 4.34 -12.38 10.78
N VAL B 210 4.11 -12.16 12.07
CA VAL B 210 4.72 -12.97 13.13
C VAL B 210 3.64 -13.35 14.12
N PRO B 211 3.82 -14.42 14.89
CA PRO B 211 2.75 -14.87 15.80
C PRO B 211 2.49 -13.93 16.97
N MET B 212 3.49 -13.23 17.50
CA MET B 212 3.27 -12.25 18.56
C MET B 212 4.21 -11.08 18.32
N ASP B 213 3.97 -9.97 19.00
CA ASP B 213 4.83 -8.80 18.78
C ASP B 213 4.86 -7.93 20.02
N ASN B 214 5.87 -7.07 20.08
CA ASN B 214 5.96 -6.04 21.10
C ASN B 214 4.93 -4.95 20.84
N MET B 215 4.24 -4.53 21.89
CA MET B 215 3.08 -3.67 21.73
C MET B 215 3.43 -2.19 21.73
N PHE B 216 4.61 -1.81 22.23
CA PHE B 216 5.02 -0.42 22.21
C PHE B 216 5.77 -0.05 20.95
N ARG B 217 6.52 -0.98 20.39
CA ARG B 217 7.38 -0.74 19.24
C ARG B 217 6.59 -0.64 17.93
N HIS B 218 5.46 -1.34 17.85
CA HIS B 218 4.75 -1.59 16.60
C HIS B 218 3.26 -1.44 16.81
N ASN B 219 2.63 -0.56 16.04
CA ASN B 219 1.17 -0.39 16.03
C ASN B 219 0.61 -1.03 14.78
N ASN B 220 -0.03 -2.19 14.91
CA ASN B 220 -0.29 -2.98 13.72
C ASN B 220 -1.64 -2.71 13.06
N VAL B 221 -2.57 -2.01 13.70
CA VAL B 221 -3.77 -1.55 12.99
C VAL B 221 -4.06 -0.11 13.38
N THR B 222 -4.76 0.60 12.50
CA THR B 222 -5.09 2.01 12.68
C THR B 222 -6.54 2.23 12.32
N LEU B 223 -7.31 2.76 13.26
CA LEU B 223 -8.67 3.16 12.97
C LEU B 223 -8.68 4.54 12.31
N MET B 224 -9.43 4.68 11.23
CA MET B 224 -9.62 5.97 10.59
C MET B 224 -11.10 6.29 10.41
N VAL B 225 -11.44 7.55 10.64
CA VAL B 225 -12.81 8.04 10.53
C VAL B 225 -12.80 9.31 9.69
N ILE B 226 -13.41 9.25 8.51
CA ILE B 226 -13.25 10.30 7.51
C ILE B 226 -14.59 10.73 6.88
N PRO B 227 -14.97 11.99 7.03
CA PRO B 227 -16.23 12.44 6.40
C PRO B 227 -16.07 12.61 4.89
N PHE B 228 -16.85 11.83 4.13
CA PHE B 228 -16.89 11.97 2.67
C PHE B 228 -17.95 12.98 2.24
N VAL B 229 -19.07 13.02 2.95
CA VAL B 229 -20.13 14.00 2.75
C VAL B 229 -20.21 14.87 4.00
N PRO B 230 -19.94 16.17 3.90
CA PRO B 230 -19.74 16.98 5.09
C PRO B 230 -21.02 17.11 5.89
N LEU B 231 -20.85 17.36 7.19
CA LEU B 231 -21.95 17.66 8.07
C LEU B 231 -22.64 18.96 7.64
N ASP B 232 -23.96 18.90 7.50
CA ASP B 232 -24.74 20.10 7.22
C ASP B 232 -26.05 20.02 7.99
N TYR B 233 -26.61 21.20 8.26
CA TYR B 233 -27.88 21.38 8.95
C TYR B 233 -28.33 22.82 8.72
N CYS B 234 -29.55 23.15 9.20
CA CYS B 234 -30.13 24.47 9.05
C CYS B 234 -30.16 25.22 10.38
N PRO B 235 -30.16 26.56 10.36
CA PRO B 235 -30.13 27.32 11.62
C PRO B 235 -31.30 26.99 12.51
N GLY B 236 -31.07 27.03 13.82
CA GLY B 236 -31.99 26.56 14.81
C GLY B 236 -31.80 25.11 15.20
N SER B 237 -31.08 24.33 14.40
CA SER B 237 -30.71 22.98 14.80
C SER B 237 -29.46 22.99 15.69
N THR B 238 -29.33 21.95 16.51
CA THR B 238 -28.15 21.79 17.35
C THR B 238 -26.85 21.78 16.54
N THR B 239 -25.88 22.58 16.97
CA THR B 239 -24.63 22.72 16.24
C THR B 239 -23.50 21.82 16.73
N TYR B 240 -23.57 21.27 17.94
CA TYR B 240 -22.48 20.43 18.45
C TYR B 240 -22.81 18.95 18.28
N VAL B 241 -22.10 18.28 17.39
CA VAL B 241 -22.30 16.86 17.08
C VAL B 241 -20.99 16.11 17.35
N PRO B 242 -20.87 15.40 18.45
CA PRO B 242 -19.62 14.67 18.71
C PRO B 242 -19.63 13.27 18.10
N ILE B 243 -18.42 12.73 17.94
CA ILE B 243 -18.19 11.34 17.58
C ILE B 243 -17.46 10.70 18.74
N THR B 244 -17.76 9.43 19.02
CA THR B 244 -17.24 8.76 20.21
C THR B 244 -16.86 7.32 19.90
N VAL B 245 -15.63 6.93 20.23
CA VAL B 245 -15.08 5.62 19.89
C VAL B 245 -14.97 4.78 21.16
N THR B 246 -15.39 3.51 21.08
CA THR B 246 -15.22 2.57 22.17
C THR B 246 -14.61 1.27 21.63
N ILE B 247 -13.59 0.76 22.32
CA ILE B 247 -12.78 -0.33 21.80
C ILE B 247 -12.62 -1.39 22.87
N ALA B 248 -12.83 -2.65 22.51
CA ALA B 248 -12.62 -3.76 23.46
C ALA B 248 -11.62 -4.75 22.89
N PRO B 249 -10.48 -4.97 23.55
CA PRO B 249 -9.59 -6.07 23.13
C PRO B 249 -10.25 -7.43 23.36
N MET B 250 -9.91 -8.37 22.48
CA MET B 250 -10.47 -9.72 22.51
C MET B 250 -9.37 -10.77 22.43
N ASN B 251 -9.45 -11.76 23.31
CA ASN B 251 -8.52 -12.90 23.37
C ASN B 251 -7.09 -12.48 23.63
N ALA B 252 -6.91 -11.54 24.57
CA ALA B 252 -5.58 -10.97 24.79
C ALA B 252 -4.66 -11.96 25.49
N GLU B 253 -3.39 -11.99 25.07
CA GLU B 253 -2.38 -12.80 25.76
C GLU B 253 -1.07 -12.04 25.80
N TYR B 254 -0.25 -12.40 26.78
CA TYR B 254 1.05 -11.76 26.99
C TYR B 254 2.12 -12.79 27.35
N ASN B 255 3.33 -12.55 26.85
CA ASN B 255 4.48 -13.39 27.13
C ASN B 255 5.69 -12.54 27.47
N GLY B 256 6.63 -13.14 28.20
CA GLY B 256 7.89 -12.51 28.54
C GLY B 256 7.83 -11.49 29.66
N LEU B 257 7.48 -11.91 30.87
CA LEU B 257 7.36 -11.01 32.01
C LEU B 257 8.72 -10.51 32.49
N ARG B 258 8.83 -9.21 32.75
CA ARG B 258 10.02 -8.57 33.31
C ARG B 258 9.63 -7.21 33.89
N LEU B 259 10.61 -6.45 34.35
CA LEU B 259 10.35 -5.14 34.94
C LEU B 259 9.66 -4.22 33.94
N ALA B 260 8.93 -3.24 34.47
CA ALA B 260 8.08 -2.39 33.65
C ALA B 260 8.86 -1.33 32.91
N GLY B 261 8.44 -1.04 31.69
CA GLY B 261 8.99 0.08 30.93
C GLY B 261 8.96 -0.21 29.45
N HIS B 262 9.36 0.80 28.68
CA HIS B 262 9.51 0.68 27.22
C HIS B 262 10.72 1.52 26.81
N GLN B 263 11.87 0.87 26.73
CA GLN B 263 13.09 1.54 26.26
C GLN B 263 14.11 0.52 25.77
N GLY C 1 28.41 -39.88 -25.49
CA GLY C 1 27.51 -38.74 -25.52
C GLY C 1 26.27 -39.01 -26.36
N LEU C 2 25.11 -38.72 -25.79
CA LEU C 2 23.87 -38.81 -26.55
C LEU C 2 23.85 -37.75 -27.65
N PRO C 3 23.68 -38.12 -28.91
CA PRO C 3 23.72 -37.14 -30.01
C PRO C 3 22.51 -36.21 -29.98
N THR C 4 22.76 -34.91 -29.91
CA THR C 4 21.73 -33.89 -29.78
C THR C 4 21.96 -32.79 -30.80
N MET C 5 20.98 -31.89 -30.92
CA MET C 5 21.02 -30.78 -31.89
C MET C 5 20.29 -29.57 -31.31
N ASN C 6 21.01 -28.46 -31.14
CA ASN C 6 20.38 -27.29 -30.54
C ASN C 6 19.45 -26.57 -31.52
N THR C 7 18.26 -26.25 -31.04
CA THR C 7 17.24 -25.58 -31.84
C THR C 7 17.38 -24.07 -31.70
N PRO C 8 16.75 -23.30 -32.60
CA PRO C 8 16.70 -21.85 -32.39
C PRO C 8 15.94 -21.49 -31.11
N GLY C 9 16.43 -20.47 -30.43
CA GLY C 9 16.03 -20.18 -29.08
C GLY C 9 17.07 -20.57 -28.04
N SER C 10 18.04 -21.40 -28.38
CA SER C 10 19.11 -21.79 -27.48
C SER C 10 19.92 -20.60 -26.97
N CYS C 11 20.02 -20.50 -25.64
CA CYS C 11 20.82 -19.53 -24.90
C CYS C 11 20.20 -18.12 -24.82
N GLN C 12 18.95 -17.94 -25.24
CA GLN C 12 18.24 -16.67 -25.06
C GLN C 12 17.73 -16.54 -23.62
N PHE C 13 17.54 -15.30 -23.18
CA PHE C 13 16.86 -15.03 -21.92
C PHE C 13 15.53 -14.35 -22.22
N LEU C 14 14.44 -15.11 -22.13
CA LEU C 14 13.09 -14.61 -22.33
C LEU C 14 12.48 -14.36 -20.96
N THR C 15 12.04 -13.13 -20.71
CA THR C 15 11.66 -12.74 -19.36
C THR C 15 10.43 -13.47 -18.85
N SER C 16 9.54 -13.90 -19.72
CA SER C 16 8.46 -14.77 -19.27
C SER C 16 8.77 -16.24 -19.54
N ASP C 17 9.96 -16.72 -19.15
CA ASP C 17 10.25 -18.14 -19.27
C ASP C 17 9.95 -18.83 -17.94
N ASP C 18 9.76 -20.14 -18.00
CA ASP C 18 9.44 -20.94 -16.82
C ASP C 18 10.30 -22.20 -16.82
N PHE C 19 11.52 -22.07 -16.31
CA PHE C 19 12.49 -23.15 -16.29
C PHE C 19 12.95 -23.41 -14.86
N GLN C 20 13.39 -24.64 -14.60
CA GLN C 20 14.05 -24.97 -13.36
C GLN C 20 15.43 -24.33 -13.31
N SER C 21 16.03 -24.27 -12.13
CA SER C 21 17.36 -23.70 -11.96
C SER C 21 17.91 -24.13 -10.61
N PRO C 22 19.23 -24.27 -10.50
CA PRO C 22 19.84 -24.70 -9.24
C PRO C 22 19.76 -23.66 -8.14
N SER C 23 19.42 -24.08 -6.94
CA SER C 23 19.36 -23.16 -5.83
C SER C 23 20.76 -22.84 -5.34
N ALA C 24 20.99 -21.58 -5.00
CA ALA C 24 22.25 -21.18 -4.41
C ALA C 24 22.39 -21.60 -2.95
N MET C 25 21.34 -22.11 -2.32
CA MET C 25 21.34 -22.40 -0.88
C MET C 25 20.83 -23.82 -0.60
N PRO C 26 21.69 -24.83 -0.76
CA PRO C 26 21.21 -26.21 -0.67
C PRO C 26 20.72 -26.58 0.73
N GLN C 27 19.54 -27.19 0.76
CA GLN C 27 18.92 -27.77 1.96
C GLN C 27 18.53 -26.73 3.01
N TYR C 28 18.45 -25.45 2.66
CA TYR C 28 17.98 -24.44 3.61
C TYR C 28 16.53 -24.70 4.01
N ASP C 29 16.23 -24.50 5.29
CA ASP C 29 14.96 -24.87 5.89
C ASP C 29 14.09 -23.63 6.11
N VAL C 30 13.12 -23.39 5.23
CA VAL C 30 12.27 -22.19 5.24
C VAL C 30 11.45 -22.12 6.54
N THR C 31 11.18 -20.89 6.99
CA THR C 31 10.29 -20.66 8.14
C THR C 31 8.91 -21.24 7.86
N PRO C 32 8.33 -21.99 8.79
CA PRO C 32 6.99 -22.56 8.58
C PRO C 32 5.93 -21.51 8.31
N GLU C 33 4.90 -21.91 7.59
CA GLU C 33 3.81 -21.03 7.20
C GLU C 33 2.84 -20.81 8.36
N MET C 34 2.27 -19.62 8.40
CA MET C 34 1.30 -19.22 9.41
C MET C 34 -0.05 -18.97 8.76
N ARG C 35 -1.11 -19.20 9.51
CA ARG C 35 -2.46 -18.88 9.07
C ARG C 35 -2.70 -17.38 9.26
N ILE C 36 -2.65 -16.64 8.16
CA ILE C 36 -2.86 -15.19 8.20
C ILE C 36 -4.20 -14.88 7.56
N PRO C 37 -5.03 -14.02 8.15
CA PRO C 37 -6.31 -13.67 7.52
C PRO C 37 -6.12 -12.90 6.23
N GLY C 38 -7.13 -12.98 5.38
CA GLY C 38 -7.16 -12.25 4.12
C GLY C 38 -6.30 -12.75 2.99
N GLU C 39 -6.15 -14.05 2.81
CA GLU C 39 -5.36 -14.57 1.70
C GLU C 39 -6.03 -14.26 0.35
N VAL C 40 -5.22 -13.85 -0.62
CA VAL C 40 -5.67 -13.50 -1.95
C VAL C 40 -5.16 -14.54 -2.95
N LYS C 41 -6.07 -15.15 -3.71
CA LYS C 41 -5.68 -16.08 -4.77
C LYS C 41 -5.76 -15.50 -6.18
N ASN C 42 -6.59 -14.48 -6.41
CA ASN C 42 -6.86 -14.00 -7.75
C ASN C 42 -7.19 -12.50 -7.69
N LEU C 43 -6.60 -11.73 -8.61
CA LEU C 43 -6.85 -10.29 -8.64
C LEU C 43 -8.31 -9.92 -8.86
N MET C 44 -9.10 -10.77 -9.53
CA MET C 44 -10.53 -10.49 -9.67
C MET C 44 -11.23 -10.42 -8.32
N GLU C 45 -10.77 -11.17 -7.33
CA GLU C 45 -11.33 -11.04 -5.98
C GLU C 45 -11.25 -9.61 -5.47
N ILE C 46 -10.22 -8.86 -5.86
CA ILE C 46 -10.16 -7.44 -5.52
C ILE C 46 -11.13 -6.64 -6.39
N ALA C 47 -11.18 -6.93 -7.68
CA ALA C 47 -12.03 -6.16 -8.58
C ALA C 47 -13.51 -6.22 -8.17
N GLU C 48 -13.94 -7.30 -7.54
CA GLU C 48 -15.34 -7.41 -7.14
C GLU C 48 -15.69 -6.64 -5.87
N VAL C 49 -14.76 -5.90 -5.30
CA VAL C 49 -15.01 -5.08 -4.13
C VAL C 49 -15.35 -3.67 -4.60
N ASP C 50 -16.36 -3.07 -3.99
CA ASP C 50 -16.77 -1.72 -4.33
C ASP C 50 -15.71 -0.72 -3.90
N SER C 51 -15.56 0.34 -4.69
CA SER C 51 -14.78 1.50 -4.31
C SER C 51 -15.43 2.77 -4.85
N VAL C 52 -15.07 3.91 -4.28
CA VAL C 52 -15.77 5.19 -4.46
C VAL C 52 -15.32 5.85 -5.77
N VAL C 53 -16.27 6.33 -6.55
CA VAL C 53 -16.00 6.90 -7.86
C VAL C 53 -15.80 8.41 -7.73
N PRO C 54 -14.76 8.97 -8.30
CA PRO C 54 -14.64 10.44 -8.37
C PRO C 54 -15.36 11.06 -9.57
N VAL C 55 -16.68 11.18 -9.46
CA VAL C 55 -17.52 11.63 -10.57
C VAL C 55 -17.31 13.12 -10.83
N GLN C 56 -17.26 13.93 -9.77
CA GLN C 56 -17.12 15.38 -9.93
C GLN C 56 -15.64 15.75 -9.97
N ASN C 57 -14.97 15.28 -11.02
CA ASN C 57 -13.53 15.50 -11.20
C ASN C 57 -13.28 16.69 -12.12
N VAL C 58 -13.61 17.88 -11.63
CA VAL C 58 -13.62 19.10 -12.41
C VAL C 58 -12.70 20.09 -11.73
N GLY C 59 -11.71 20.58 -12.46
CA GLY C 59 -10.80 21.59 -11.96
C GLY C 59 -10.13 21.21 -10.66
N GLU C 60 -10.09 22.14 -9.72
CA GLU C 60 -9.41 21.98 -8.44
C GLU C 60 -10.11 20.97 -7.52
N LYS C 61 -11.32 20.53 -7.85
CA LYS C 61 -12.00 19.56 -7.02
C LYS C 61 -11.27 18.23 -6.92
N VAL C 62 -10.28 17.93 -7.78
CA VAL C 62 -9.54 16.69 -7.59
C VAL C 62 -8.56 16.77 -6.43
N ASN C 63 -8.33 17.97 -5.89
CA ASN C 63 -7.48 18.15 -4.71
C ASN C 63 -8.29 18.35 -3.44
N SER C 64 -9.37 17.60 -3.24
CA SER C 64 -10.21 17.69 -2.06
C SER C 64 -11.13 16.49 -2.06
N MET C 65 -12.02 16.45 -1.08
CA MET C 65 -13.03 15.39 -0.98
C MET C 65 -14.23 15.63 -1.89
N GLU C 66 -14.31 16.78 -2.56
CA GLU C 66 -15.47 17.11 -3.36
C GLU C 66 -15.53 16.30 -4.65
N ALA C 67 -14.41 15.74 -5.10
CA ALA C 67 -14.44 14.92 -6.31
C ALA C 67 -15.36 13.72 -6.17
N TYR C 68 -15.56 13.21 -4.95
CA TYR C 68 -16.42 12.04 -4.74
C TYR C 68 -17.88 12.41 -4.51
N GLN C 69 -18.26 13.68 -4.55
CA GLN C 69 -19.61 14.11 -4.20
C GLN C 69 -20.40 14.53 -5.44
N ILE C 70 -21.62 14.00 -5.57
CA ILE C 70 -22.48 14.34 -6.70
C ILE C 70 -23.57 15.27 -6.21
N PRO C 71 -23.58 16.54 -6.65
CA PRO C 71 -24.59 17.50 -6.16
C PRO C 71 -25.98 17.21 -6.70
N VAL C 72 -26.98 17.28 -5.82
CA VAL C 72 -28.38 17.33 -6.23
C VAL C 72 -29.08 18.39 -5.39
N ARG C 73 -30.19 18.89 -5.90
CA ARG C 73 -30.92 19.93 -5.19
C ARG C 73 -32.37 19.95 -5.64
N SER C 74 -33.18 20.64 -4.85
CA SER C 74 -34.55 20.93 -5.24
C SER C 74 -34.57 21.97 -6.35
N ASN C 75 -35.18 21.62 -7.46
CA ASN C 75 -35.19 22.43 -8.67
C ASN C 75 -36.54 23.12 -8.81
N GLU C 76 -36.64 24.00 -9.80
CA GLU C 76 -37.92 24.60 -10.16
C GLU C 76 -38.39 24.03 -11.49
N GLY C 77 -38.19 22.73 -11.67
CA GLY C 77 -38.64 22.00 -12.83
C GLY C 77 -38.31 20.52 -12.62
N SER C 78 -38.29 19.75 -13.69
CA SER C 78 -37.96 18.33 -13.59
C SER C 78 -37.27 17.90 -14.87
N GLY C 79 -36.66 16.72 -14.83
CA GLY C 79 -36.07 16.11 -16.01
C GLY C 79 -34.72 16.62 -16.44
N THR C 80 -34.07 17.50 -15.69
CA THR C 80 -32.73 17.93 -16.04
C THR C 80 -31.70 16.86 -15.69
N GLN C 81 -30.50 16.99 -16.26
CA GLN C 81 -29.46 15.97 -16.14
C GLN C 81 -28.66 16.13 -14.86
N VAL C 82 -28.26 15.01 -14.28
CA VAL C 82 -27.48 15.01 -13.04
C VAL C 82 -26.00 14.71 -13.29
N PHE C 83 -25.69 13.66 -14.05
CA PHE C 83 -24.33 13.41 -14.51
C PHE C 83 -24.39 12.61 -15.81
N GLY C 84 -23.23 12.52 -16.47
CA GLY C 84 -23.00 11.56 -17.52
C GLY C 84 -21.54 11.26 -17.81
N PHE C 85 -21.21 10.00 -18.09
CA PHE C 85 -19.85 9.65 -18.46
C PHE C 85 -19.89 8.38 -19.30
N PRO C 86 -18.80 8.07 -20.02
CA PRO C 86 -18.78 6.88 -20.88
C PRO C 86 -18.30 5.62 -20.16
N LEU C 87 -18.76 4.48 -20.66
CA LEU C 87 -18.35 3.18 -20.12
C LEU C 87 -16.97 2.82 -20.68
N GLN C 88 -15.94 3.42 -20.08
CA GLN C 88 -14.56 3.15 -20.46
C GLN C 88 -13.79 2.86 -19.18
N PRO C 89 -14.01 1.68 -18.59
CA PRO C 89 -13.62 1.47 -17.18
C PRO C 89 -12.13 1.54 -16.92
N GLY C 90 -11.28 1.40 -17.94
CA GLY C 90 -9.87 1.58 -17.74
C GLY C 90 -9.33 2.91 -18.20
N TYR C 91 -10.02 3.57 -19.12
CA TYR C 91 -9.47 4.74 -19.78
C TYR C 91 -10.12 6.06 -19.36
N SER C 92 -11.41 6.08 -19.02
CA SER C 92 -12.04 7.30 -18.53
C SER C 92 -11.41 7.73 -17.22
N SER C 93 -11.09 9.03 -17.13
CA SER C 93 -10.55 9.57 -15.89
C SER C 93 -11.54 9.43 -14.72
N VAL C 94 -12.82 9.29 -15.00
CA VAL C 94 -13.79 8.96 -13.95
C VAL C 94 -13.43 7.61 -13.30
N PHE C 95 -13.04 6.62 -14.10
CA PHE C 95 -12.90 5.25 -13.63
C PHE C 95 -11.46 4.79 -13.41
N SER C 96 -10.47 5.46 -14.01
CA SER C 96 -9.11 4.95 -14.13
C SER C 96 -8.39 4.71 -12.80
N ARG C 97 -8.75 5.40 -11.72
CA ARG C 97 -8.06 5.23 -10.45
C ARG C 97 -8.86 4.47 -9.39
N THR C 98 -10.04 3.95 -9.73
CA THR C 98 -10.73 3.03 -8.84
C THR C 98 -9.97 1.71 -8.73
N LEU C 99 -10.37 0.89 -7.75
CA LEU C 99 -9.84 -0.47 -7.65
C LEU C 99 -9.96 -1.20 -8.99
N LEU C 100 -11.17 -1.24 -9.55
CA LEU C 100 -11.41 -1.86 -10.84
C LEU C 100 -10.49 -1.29 -11.93
N GLY C 101 -10.41 0.05 -12.00
CA GLY C 101 -9.60 0.68 -13.02
C GLY C 101 -8.11 0.42 -12.86
N GLU C 102 -7.61 0.47 -11.62
CA GLU C 102 -6.19 0.24 -11.38
C GLU C 102 -5.80 -1.18 -11.73
N ILE C 103 -6.69 -2.14 -11.51
CA ILE C 103 -6.38 -3.49 -11.96
C ILE C 103 -6.46 -3.57 -13.48
N LEU C 104 -7.46 -2.93 -14.10
CA LEU C 104 -7.60 -3.00 -15.55
C LEU C 104 -6.38 -2.47 -16.28
N ASN C 105 -5.74 -1.43 -15.74
CA ASN C 105 -4.59 -0.84 -16.44
C ASN C 105 -3.34 -1.74 -16.46
N TYR C 106 -3.36 -2.92 -15.84
CA TYR C 106 -2.34 -3.93 -16.07
C TYR C 106 -2.75 -4.96 -17.13
N TYR C 107 -3.83 -4.72 -17.88
CA TYR C 107 -4.30 -5.73 -18.81
C TYR C 107 -4.68 -5.07 -20.13
N THR C 108 -4.73 -5.88 -21.18
CA THR C 108 -5.05 -5.38 -22.50
C THR C 108 -6.52 -5.56 -22.87
N HIS C 109 -7.17 -6.63 -22.40
CA HIS C 109 -8.56 -6.91 -22.76
C HIS C 109 -9.45 -7.07 -21.52
N TRP C 110 -10.71 -6.63 -21.62
CA TRP C 110 -11.68 -6.81 -20.53
C TRP C 110 -13.04 -7.25 -21.05
N SER C 111 -13.74 -8.04 -20.24
CA SER C 111 -15.06 -8.54 -20.59
C SER C 111 -15.92 -8.67 -19.32
N GLY C 112 -17.22 -8.46 -19.48
CA GLY C 112 -18.18 -8.77 -18.44
C GLY C 112 -18.97 -7.57 -17.99
N SER C 113 -19.86 -7.82 -17.02
CA SER C 113 -20.81 -6.82 -16.52
C SER C 113 -20.24 -6.06 -15.32
N ILE C 114 -20.83 -4.88 -15.07
CA ILE C 114 -20.35 -3.96 -14.04
C ILE C 114 -21.52 -3.44 -13.20
N LYS C 115 -21.26 -3.19 -11.91
CA LYS C 115 -22.29 -2.67 -11.02
C LYS C 115 -21.92 -1.29 -10.51
N LEU C 116 -22.90 -0.37 -10.56
CA LEU C 116 -22.81 0.97 -10.00
C LEU C 116 -23.81 1.11 -8.86
N THR C 117 -23.33 1.24 -7.65
CA THR C 117 -24.20 1.46 -6.49
C THR C 117 -24.21 2.94 -6.10
N PHE C 118 -25.39 3.50 -5.92
CA PHE C 118 -25.55 4.88 -5.49
C PHE C 118 -26.14 4.94 -4.09
N MET C 119 -25.58 5.82 -3.27
CA MET C 119 -26.06 6.05 -1.91
C MET C 119 -26.47 7.51 -1.75
N PHE C 120 -27.73 7.73 -1.41
CA PHE C 120 -28.24 9.08 -1.15
C PHE C 120 -27.86 9.51 0.27
N CYS C 121 -27.28 10.68 0.39
CA CYS C 121 -26.73 11.13 1.66
C CYS C 121 -27.29 12.49 2.06
N GLY C 122 -28.55 12.75 1.73
CA GLY C 122 -29.27 13.87 2.31
C GLY C 122 -29.81 13.53 3.68
N SER C 123 -30.60 14.44 4.21
CA SER C 123 -31.28 14.19 5.48
C SER C 123 -32.43 13.21 5.30
N ALA C 124 -32.85 12.61 6.42
CA ALA C 124 -33.96 11.67 6.39
C ALA C 124 -35.28 12.31 5.92
N MET C 125 -35.43 13.63 6.05
CA MET C 125 -36.65 14.29 5.62
C MET C 125 -36.73 14.52 4.11
N ALA C 126 -35.62 14.41 3.39
CA ALA C 126 -35.60 14.60 1.93
C ALA C 126 -36.10 13.36 1.20
N THR C 127 -36.93 13.56 0.17
CA THR C 127 -37.37 12.49 -0.71
C THR C 127 -37.01 12.80 -2.17
N GLY C 128 -37.03 11.78 -3.01
CA GLY C 128 -36.81 12.00 -4.44
C GLY C 128 -36.76 10.70 -5.23
N LYS C 129 -36.89 10.84 -6.54
CA LYS C 129 -36.84 9.71 -7.47
C LYS C 129 -35.91 10.04 -8.64
N PHE C 130 -35.11 9.08 -9.05
CA PHE C 130 -34.07 9.31 -10.05
C PHE C 130 -34.11 8.24 -11.13
N LEU C 131 -33.72 8.59 -12.35
CA LEU C 131 -33.63 7.65 -13.45
C LEU C 131 -32.15 7.45 -13.77
N LEU C 132 -31.67 6.21 -13.67
CA LEU C 132 -30.29 5.83 -13.98
C LEU C 132 -30.29 5.02 -15.27
N ALA C 133 -29.52 5.46 -16.27
CA ALA C 133 -29.70 4.91 -17.61
C ALA C 133 -28.37 4.60 -18.30
N TYR C 134 -28.35 3.48 -19.01
CA TYR C 134 -27.27 3.07 -19.88
C TYR C 134 -27.79 3.00 -21.31
N SER C 135 -27.06 3.63 -22.21
CA SER C 135 -27.40 3.71 -23.61
C SER C 135 -26.27 3.11 -24.44
N PRO C 136 -26.46 1.95 -25.03
CA PRO C 136 -25.46 1.39 -25.93
C PRO C 136 -25.15 2.36 -27.07
N LEU C 137 -23.92 2.25 -27.55
CA LEU C 137 -23.33 3.09 -28.57
C LEU C 137 -24.02 2.91 -29.92
N GLY C 138 -23.65 3.79 -30.85
CA GLY C 138 -24.22 3.81 -32.18
C GLY C 138 -25.03 5.05 -32.47
N ALA C 139 -25.57 5.70 -31.45
CA ALA C 139 -26.37 6.90 -31.66
C ALA C 139 -25.92 8.10 -30.83
N GLY C 140 -24.79 8.01 -30.12
CA GLY C 140 -24.35 9.09 -29.26
C GLY C 140 -25.06 9.12 -27.91
N ALA C 141 -24.59 10.00 -27.05
CA ALA C 141 -25.13 10.11 -25.71
C ALA C 141 -26.46 10.86 -25.71
N PRO C 142 -27.43 10.42 -24.89
CA PRO C 142 -28.71 11.13 -24.83
C PRO C 142 -28.57 12.50 -24.18
N THR C 143 -29.40 13.43 -24.65
CA THR C 143 -29.38 14.81 -24.22
C THR C 143 -30.62 15.26 -23.45
N LYS C 144 -31.72 14.53 -23.57
CA LYS C 144 -32.93 14.76 -22.79
C LYS C 144 -33.26 13.50 -21.99
N ARG C 145 -34.16 13.62 -21.02
CA ARG C 145 -34.63 12.43 -20.34
C ARG C 145 -35.45 11.52 -21.27
N VAL C 146 -36.24 12.10 -22.17
CA VAL C 146 -37.09 11.30 -23.06
C VAL C 146 -36.31 10.50 -24.08
N ASP C 147 -35.04 10.80 -24.29
CA ASP C 147 -34.20 9.93 -25.10
C ASP C 147 -33.44 8.92 -24.25
N ALA C 148 -33.03 9.32 -23.05
CA ALA C 148 -32.37 8.39 -22.15
C ALA C 148 -33.28 7.25 -21.74
N MET C 149 -34.59 7.50 -21.67
CA MET C 149 -35.59 6.52 -21.24
C MET C 149 -35.71 5.32 -22.20
N LEU C 150 -35.30 5.48 -23.46
CA LEU C 150 -35.41 4.41 -24.43
C LEU C 150 -34.45 3.24 -24.17
N GLY C 151 -33.30 3.50 -23.54
CA GLY C 151 -32.34 2.47 -23.25
C GLY C 151 -32.61 1.72 -21.96
N THR C 152 -31.59 1.01 -21.48
CA THR C 152 -31.75 0.19 -20.28
C THR C 152 -31.57 1.07 -19.03
N HIS C 153 -32.49 0.96 -18.05
CA HIS C 153 -32.51 1.92 -16.97
C HIS C 153 -33.27 1.41 -15.75
N VAL C 154 -33.03 2.09 -14.62
CA VAL C 154 -33.65 1.80 -13.34
C VAL C 154 -34.26 3.10 -12.82
N VAL C 155 -35.44 3.01 -12.21
CA VAL C 155 -36.03 4.16 -11.53
C VAL C 155 -35.90 3.95 -10.03
N TRP C 156 -35.03 4.74 -9.42
CA TRP C 156 -34.66 4.63 -8.02
C TRP C 156 -35.56 5.51 -7.17
N ASP C 157 -36.27 4.89 -6.23
CA ASP C 157 -37.08 5.60 -5.24
C ASP C 157 -36.33 5.62 -3.91
N VAL C 158 -36.02 6.81 -3.42
CA VAL C 158 -35.23 7.05 -2.21
C VAL C 158 -36.09 6.81 -0.97
N GLY C 159 -35.61 5.96 -0.07
CA GLY C 159 -36.29 5.68 1.17
C GLY C 159 -35.44 4.98 2.21
N LEU C 160 -36.07 4.14 3.05
CA LEU C 160 -35.36 3.47 4.14
C LEU C 160 -34.16 2.69 3.61
N GLN C 161 -34.31 1.94 2.53
CA GLN C 161 -33.16 1.35 1.86
C GLN C 161 -32.48 2.47 1.07
N SER C 162 -31.29 2.88 1.51
CA SER C 162 -30.61 4.09 1.07
C SER C 162 -29.86 3.95 -0.24
N SER C 163 -29.68 2.77 -0.77
CA SER C 163 -28.78 2.58 -1.90
C SER C 163 -29.49 1.84 -3.03
N CYS C 164 -29.10 2.12 -4.26
CA CYS C 164 -29.69 1.50 -5.44
C CYS C 164 -28.61 1.11 -6.44
N VAL C 165 -28.79 -0.04 -7.09
CA VAL C 165 -27.78 -0.64 -7.96
C VAL C 165 -28.24 -0.57 -9.41
N LEU C 166 -27.45 0.08 -10.26
CA LEU C 166 -27.59 -0.04 -11.71
C LEU C 166 -26.59 -1.06 -12.21
N CYS C 167 -27.09 -2.07 -12.89
CA CYS C 167 -26.25 -3.07 -13.51
C CYS C 167 -26.06 -2.67 -14.97
N ILE C 168 -24.80 -2.53 -15.37
CA ILE C 168 -24.42 -2.29 -16.76
C ILE C 168 -24.09 -3.66 -17.36
N PRO C 169 -24.97 -4.24 -18.16
CA PRO C 169 -24.73 -5.58 -18.69
C PRO C 169 -23.78 -5.53 -19.87
N TRP C 170 -23.13 -6.66 -20.11
CA TRP C 170 -22.24 -6.81 -21.25
C TRP C 170 -23.08 -6.88 -22.52
N ILE C 171 -23.03 -5.81 -23.31
CA ILE C 171 -23.65 -5.78 -24.63
C ILE C 171 -22.58 -5.29 -25.61
N SER C 172 -22.04 -6.20 -26.41
CA SER C 172 -20.89 -5.94 -27.26
C SER C 172 -20.98 -6.82 -28.49
N GLN C 173 -20.43 -6.34 -29.60
CA GLN C 173 -20.28 -7.22 -30.75
C GLN C 173 -19.14 -8.22 -30.59
N THR C 174 -18.13 -7.92 -29.77
CA THR C 174 -16.99 -8.79 -29.54
C THR C 174 -17.08 -9.46 -28.16
N HIS C 175 -16.39 -10.60 -28.03
CA HIS C 175 -16.27 -11.22 -26.72
C HIS C 175 -15.48 -10.35 -25.74
N TYR C 176 -14.56 -9.50 -26.21
CA TYR C 176 -13.76 -8.63 -25.34
C TYR C 176 -13.69 -7.21 -25.89
N ARG C 177 -13.37 -6.26 -25.02
CA ARG C 177 -13.12 -4.87 -25.40
C ARG C 177 -11.73 -4.46 -24.92
N TYR C 178 -11.13 -3.48 -25.61
CA TYR C 178 -9.81 -2.99 -25.25
C TYR C 178 -9.87 -2.11 -24.00
N VAL C 179 -8.81 -2.18 -23.19
CA VAL C 179 -8.68 -1.26 -22.07
C VAL C 179 -8.37 0.16 -22.55
N ALA C 180 -7.54 0.30 -23.58
CA ALA C 180 -7.24 1.60 -24.17
C ALA C 180 -8.45 2.16 -24.94
N SER C 181 -8.41 3.45 -25.23
CA SER C 181 -9.50 4.11 -25.95
C SER C 181 -9.52 3.64 -27.41
N ASP C 182 -10.69 3.20 -27.88
CA ASP C 182 -10.79 2.62 -29.21
C ASP C 182 -12.23 2.59 -29.73
N GLU C 183 -12.46 3.20 -30.89
CA GLU C 183 -13.82 3.40 -31.37
C GLU C 183 -14.48 2.11 -31.86
N CYS C 184 -13.71 1.14 -32.39
CA CYS C 184 -14.32 -0.13 -32.79
C CYS C 184 -14.92 -0.86 -31.60
N THR C 185 -14.42 -0.62 -30.38
CA THR C 185 -14.95 -1.27 -29.18
C THR C 185 -15.48 -0.24 -28.20
N ALA C 186 -16.24 0.74 -28.70
CA ALA C 186 -16.87 1.74 -27.84
C ALA C 186 -17.88 1.08 -26.92
N GLY C 187 -17.95 1.58 -25.68
CA GLY C 187 -18.80 0.96 -24.68
C GLY C 187 -20.19 1.53 -24.47
N GLY C 188 -20.44 2.79 -24.81
CA GLY C 188 -21.75 3.38 -24.60
C GLY C 188 -21.71 4.49 -23.54
N PHE C 189 -22.88 4.78 -22.94
CA PHE C 189 -23.00 5.96 -22.10
C PHE C 189 -23.83 5.67 -20.85
N ILE C 190 -23.47 6.35 -19.76
CA ILE C 190 -24.17 6.25 -18.48
C ILE C 190 -24.59 7.66 -18.09
N THR C 191 -25.88 7.85 -17.81
CA THR C 191 -26.40 9.14 -17.44
C THR C 191 -27.40 9.00 -16.30
N CYS C 192 -27.67 10.13 -15.65
CA CYS C 192 -28.63 10.16 -14.55
C CYS C 192 -29.47 11.42 -14.61
N TRP C 193 -30.77 11.26 -14.40
CA TRP C 193 -31.75 12.33 -14.61
C TRP C 193 -32.71 12.39 -13.42
N TYR C 194 -33.19 13.59 -13.11
CA TYR C 194 -34.27 13.77 -12.16
C TYR C 194 -35.54 13.15 -12.73
N GLN C 195 -36.09 12.15 -12.04
CA GLN C 195 -37.42 11.62 -12.39
C GLN C 195 -38.54 12.48 -11.82
N THR C 196 -38.47 12.81 -10.53
CA THR C 196 -39.27 13.86 -9.92
C THR C 196 -38.28 14.81 -9.26
N ASN C 197 -38.71 15.63 -8.33
CA ASN C 197 -37.84 16.60 -7.67
C ASN C 197 -37.27 16.05 -6.37
N ILE C 198 -36.36 16.82 -5.78
CA ILE C 198 -36.02 16.70 -4.36
C ILE C 198 -36.96 17.61 -3.59
N VAL C 199 -37.67 17.06 -2.61
CA VAL C 199 -38.63 17.82 -1.82
C VAL C 199 -38.30 17.69 -0.35
N VAL C 200 -38.20 18.82 0.34
CA VAL C 200 -37.86 18.88 1.77
C VAL C 200 -38.87 19.73 2.51
N PRO C 201 -39.07 19.50 3.82
CA PRO C 201 -39.83 20.46 4.61
C PRO C 201 -38.99 21.69 4.94
N ALA C 202 -39.61 22.72 5.50
CA ALA C 202 -38.87 23.85 6.02
C ALA C 202 -37.91 23.42 7.12
N ASP C 203 -36.78 24.11 7.20
CA ASP C 203 -35.70 23.85 8.17
C ASP C 203 -34.90 22.59 7.85
N ALA C 204 -34.97 22.08 6.63
CA ALA C 204 -34.08 21.04 6.16
C ALA C 204 -33.35 21.57 4.93
N GLN C 205 -32.08 21.17 4.76
CA GLN C 205 -31.29 21.67 3.64
C GLN C 205 -31.84 21.14 2.31
N SER C 206 -31.99 22.05 1.34
CA SER C 206 -32.49 21.67 0.02
C SER C 206 -31.40 21.20 -0.93
N SER C 207 -30.12 21.30 -0.56
CA SER C 207 -29.04 20.72 -1.34
C SER C 207 -28.55 19.45 -0.66
N CYS C 208 -28.16 18.46 -1.46
CA CYS C 208 -27.80 17.14 -0.98
C CYS C 208 -26.74 16.55 -1.90
N TYR C 209 -26.23 15.39 -1.52
CA TYR C 209 -25.13 14.74 -2.23
C TYR C 209 -25.43 13.26 -2.37
N ILE C 210 -25.05 12.72 -3.50
CA ILE C 210 -25.07 11.28 -3.75
C ILE C 210 -23.63 10.81 -3.91
N MET C 211 -23.39 9.55 -3.57
CA MET C 211 -22.09 8.94 -3.82
C MET C 211 -22.25 7.68 -4.66
N CYS C 212 -21.27 7.44 -5.53
CA CYS C 212 -21.29 6.31 -6.44
C CYS C 212 -20.13 5.35 -6.16
N PHE C 213 -20.40 4.05 -6.33
CA PHE C 213 -19.46 2.95 -6.15
C PHE C 213 -19.47 2.05 -7.38
N VAL C 214 -18.31 1.46 -7.72
CA VAL C 214 -18.19 0.55 -8.85
C VAL C 214 -17.63 -0.78 -8.39
N SER C 215 -18.10 -1.87 -8.98
CA SER C 215 -17.44 -3.16 -8.86
C SER C 215 -17.77 -4.06 -10.04
N ALA C 216 -17.09 -5.20 -10.11
CA ALA C 216 -17.30 -6.17 -11.19
C ALA C 216 -18.31 -7.24 -10.78
N CYS C 217 -19.09 -7.69 -11.75
CA CYS C 217 -20.00 -8.81 -11.59
C CYS C 217 -19.24 -10.13 -11.65
N ASN C 218 -19.92 -11.23 -11.34
CA ASN C 218 -19.28 -12.54 -11.31
C ASN C 218 -19.00 -13.12 -12.69
N ASP C 219 -19.26 -12.36 -13.77
CA ASP C 219 -19.00 -12.77 -15.14
C ASP C 219 -17.79 -12.07 -15.75
N PHE C 220 -17.03 -11.33 -14.95
CA PHE C 220 -16.01 -10.39 -15.41
C PHE C 220 -14.64 -11.06 -15.48
N SER C 221 -13.84 -10.71 -16.51
CA SER C 221 -12.47 -11.19 -16.59
C SER C 221 -11.60 -10.26 -17.44
N VAL C 222 -10.27 -10.46 -17.35
CA VAL C 222 -9.24 -9.65 -18.00
C VAL C 222 -8.21 -10.55 -18.67
N ARG C 223 -7.52 -9.98 -19.67
CA ARG C 223 -6.55 -10.71 -20.49
C ARG C 223 -5.34 -9.85 -20.82
N LEU C 224 -4.22 -10.56 -21.08
CA LEU C 224 -2.98 -10.06 -21.67
C LEU C 224 -2.24 -9.02 -20.82
N LEU C 225 -1.56 -9.48 -19.78
CA LEU C 225 -0.77 -8.63 -18.88
C LEU C 225 0.14 -7.63 -19.60
N LYS C 226 0.19 -6.41 -19.05
CA LYS C 226 1.07 -5.37 -19.57
C LYS C 226 1.46 -4.44 -18.43
N ASP C 227 2.32 -3.47 -18.75
CA ASP C 227 2.77 -2.48 -17.79
C ASP C 227 1.78 -1.33 -17.70
N THR C 228 1.55 -0.87 -16.51
CA THR C 228 0.64 0.23 -16.29
C THR C 228 1.27 1.55 -16.71
N PRO C 229 0.47 2.47 -17.25
CA PRO C 229 0.99 3.81 -17.55
C PRO C 229 1.02 4.74 -16.35
N PHE C 230 0.74 4.26 -15.15
CA PHE C 230 0.61 5.17 -14.02
C PHE C 230 1.88 5.37 -13.21
N ILE C 231 2.79 4.39 -13.19
CA ILE C 231 4.01 4.50 -12.41
C ILE C 231 5.19 4.74 -13.35
N SER C 232 6.14 5.56 -12.91
CA SER C 232 7.26 5.92 -13.76
C SER C 232 8.45 6.36 -12.91
N GLN C 233 9.57 6.63 -13.57
CA GLN C 233 10.85 6.71 -12.90
C GLN C 233 11.88 7.33 -13.82
N GLU C 234 12.74 8.18 -13.27
CA GLU C 234 13.86 8.73 -14.02
C GLU C 234 15.22 8.21 -13.56
N ASN C 235 15.37 7.88 -12.29
CA ASN C 235 16.56 7.24 -11.76
C ASN C 235 16.14 6.23 -10.70
N PHE C 236 17.07 5.38 -10.30
CA PHE C 236 16.84 4.44 -9.20
C PHE C 236 16.70 5.22 -7.89
N PHE C 237 15.68 4.89 -7.11
CA PHE C 237 15.42 5.65 -5.88
C PHE C 237 16.51 5.40 -4.83
N GLN C 238 16.53 6.27 -3.84
CA GLN C 238 17.48 6.14 -2.74
C GLN C 238 16.85 6.65 -1.45
N GLY D 1 10.29 -40.83 -12.48
CA GLY D 1 9.08 -40.37 -11.82
C GLY D 1 8.45 -39.14 -12.47
N ALA D 2 8.05 -39.29 -13.72
CA ALA D 2 7.47 -38.20 -14.50
C ALA D 2 6.03 -37.91 -14.08
N GLN D 3 5.66 -36.63 -14.13
CA GLN D 3 4.28 -36.23 -13.99
C GLN D 3 3.72 -35.65 -15.28
N VAL D 4 2.54 -36.12 -15.66
CA VAL D 4 1.80 -35.65 -16.82
C VAL D 4 0.67 -34.73 -16.34
N SER D 5 0.50 -33.60 -17.03
CA SER D 5 -0.54 -32.63 -16.66
C SER D 5 -1.12 -31.99 -17.91
N THR D 6 -2.28 -31.35 -17.76
CA THR D 6 -2.95 -30.74 -18.92
C THR D 6 -2.39 -29.36 -19.21
N GLN D 7 -2.26 -29.05 -20.51
CA GLN D 7 -1.87 -27.73 -20.97
C GLN D 7 -3.05 -26.77 -20.96
N LYS D 8 -2.75 -25.49 -21.02
CA LYS D 8 -3.77 -24.48 -21.25
C LYS D 8 -4.22 -24.55 -22.70
N THR D 9 -5.53 -24.71 -22.93
CA THR D 9 -6.12 -24.80 -24.27
C THR D 9 -7.35 -23.92 -24.35
N GLY D 10 -7.84 -23.72 -25.57
CA GLY D 10 -9.05 -22.98 -25.81
C GLY D 10 -10.30 -23.85 -25.68
N ALA D 11 -11.44 -23.17 -25.57
CA ALA D 11 -12.73 -23.82 -25.55
C ALA D 11 -13.33 -23.83 -26.95
N HIS D 12 -14.30 -24.71 -27.15
CA HIS D 12 -15.06 -24.70 -28.40
C HIS D 12 -16.54 -24.44 -28.13
N ILE D 23 -7.62 -33.97 -22.42
CA ILE D 23 -7.17 -32.87 -23.26
C ILE D 23 -5.65 -32.98 -23.38
N ILE D 24 -5.02 -32.11 -24.17
CA ILE D 24 -3.63 -32.31 -24.54
C ILE D 24 -2.69 -32.11 -23.36
N HIS D 25 -1.70 -32.98 -23.25
CA HIS D 25 -0.91 -33.18 -22.04
C HIS D 25 0.55 -32.77 -22.26
N TYR D 26 1.26 -32.60 -21.15
CA TYR D 26 2.68 -32.31 -21.16
C TYR D 26 3.34 -33.03 -19.97
N THR D 27 4.65 -33.23 -20.09
CA THR D 27 5.42 -34.03 -19.16
C THR D 27 6.45 -33.18 -18.41
N ASN D 28 6.63 -33.49 -17.13
CA ASN D 28 7.62 -32.81 -16.30
C ASN D 28 8.37 -33.82 -15.41
N ILE D 29 9.62 -33.50 -15.13
CA ILE D 29 10.46 -34.27 -14.20
C ILE D 29 11.35 -33.29 -13.45
N ASN D 30 11.30 -33.32 -12.12
CA ASN D 30 12.12 -32.42 -11.31
C ASN D 30 13.56 -32.91 -11.32
N TYR D 31 14.51 -31.99 -11.50
CA TYR D 31 15.92 -32.37 -11.60
C TYR D 31 16.73 -32.08 -10.35
N TYR D 32 16.27 -31.21 -9.47
CA TYR D 32 17.07 -30.72 -8.37
C TYR D 32 16.51 -31.17 -7.02
N LYS D 33 17.30 -30.99 -5.96
CA LYS D 33 17.02 -31.52 -4.63
C LYS D 33 16.21 -30.59 -3.74
N ASP D 34 16.02 -29.32 -4.10
CA ASP D 34 15.23 -28.40 -3.29
C ASP D 34 13.96 -28.02 -4.05
N ALA D 35 12.88 -27.85 -3.30
CA ALA D 35 11.63 -27.36 -3.89
C ALA D 35 11.79 -25.98 -4.52
N ALA D 36 12.56 -25.09 -3.91
CA ALA D 36 12.76 -23.76 -4.49
C ALA D 36 13.41 -23.78 -5.86
N SER D 37 13.86 -24.93 -6.35
CA SER D 37 14.38 -25.01 -7.70
C SER D 37 13.31 -25.30 -8.75
N ASN D 38 12.13 -25.76 -8.33
CA ASN D 38 11.07 -26.13 -9.25
C ASN D 38 10.59 -24.92 -10.05
N SER D 39 9.82 -25.20 -11.10
CA SER D 39 9.23 -24.16 -11.91
C SER D 39 7.95 -23.62 -11.25
N ALA D 40 7.48 -22.50 -11.77
CA ALA D 40 6.40 -21.74 -11.16
C ALA D 40 5.11 -22.57 -11.06
N THR D 41 4.19 -22.08 -10.23
CA THR D 41 2.90 -22.74 -10.01
C THR D 41 1.82 -21.91 -10.68
N ARG D 42 1.58 -22.17 -11.97
CA ARG D 42 0.77 -21.27 -12.79
C ARG D 42 -0.66 -21.78 -12.97
N GLN D 43 -1.01 -22.92 -12.40
CA GLN D 43 -2.34 -23.47 -12.65
C GLN D 43 -3.17 -23.61 -11.38
N ASP D 44 -3.10 -22.63 -10.48
CA ASP D 44 -3.89 -22.64 -9.25
C ASP D 44 -5.07 -21.69 -9.41
N PHE D 45 -6.23 -22.21 -9.80
CA PHE D 45 -7.35 -21.36 -10.19
C PHE D 45 -8.46 -21.26 -9.14
N ALA D 46 -8.18 -21.62 -7.89
CA ALA D 46 -9.16 -21.45 -6.82
C ALA D 46 -9.42 -19.97 -6.53
N GLN D 47 -10.62 -19.67 -6.06
CA GLN D 47 -11.01 -18.30 -5.73
C GLN D 47 -11.92 -18.31 -4.51
N ASP D 48 -11.95 -17.18 -3.80
CA ASP D 48 -12.70 -17.09 -2.56
C ASP D 48 -13.00 -15.64 -2.20
N PRO D 49 -13.82 -14.94 -2.99
CA PRO D 49 -13.97 -13.49 -2.78
C PRO D 49 -14.86 -13.13 -1.60
N GLY D 50 -15.51 -14.10 -0.98
CA GLY D 50 -16.47 -13.82 0.07
C GLY D 50 -15.89 -13.31 1.37
N LYS D 51 -14.57 -13.38 1.52
CA LYS D 51 -13.95 -12.78 2.69
C LYS D 51 -13.79 -11.28 2.55
N PHE D 52 -13.77 -10.76 1.32
CA PHE D 52 -13.62 -9.33 1.05
C PHE D 52 -14.97 -8.71 0.71
N THR D 53 -15.71 -9.29 -0.22
CA THR D 53 -17.13 -9.01 -0.37
C THR D 53 -17.88 -9.78 0.71
N GLU D 54 -18.94 -9.20 1.21
CA GLU D 54 -19.75 -9.88 2.24
C GLU D 54 -19.00 -10.33 3.50
N PRO D 55 -18.23 -9.47 4.19
CA PRO D 55 -17.67 -9.88 5.49
C PRO D 55 -18.56 -9.53 6.69
N VAL D 56 -19.85 -9.84 6.60
CA VAL D 56 -20.83 -9.44 7.59
C VAL D 56 -21.21 -10.62 8.47
N LYS D 57 -21.53 -10.33 9.72
CA LYS D 57 -21.90 -11.34 10.70
C LYS D 57 -23.24 -12.00 10.35
N ASP D 58 -24.22 -11.20 9.96
CA ASP D 58 -25.54 -11.71 9.58
C ASP D 58 -25.62 -11.81 8.06
N ILE D 59 -25.97 -12.99 7.57
CA ILE D 59 -26.05 -13.19 6.13
C ILE D 59 -27.11 -12.25 5.56
N MET D 60 -26.87 -11.77 4.35
CA MET D 60 -27.77 -10.82 3.72
C MET D 60 -28.34 -11.41 2.44
N ILE D 61 -29.57 -11.87 2.52
CA ILE D 61 -30.28 -12.49 1.40
C ILE D 61 -30.63 -11.40 0.40
N LYS D 62 -30.21 -11.58 -0.84
CA LYS D 62 -30.22 -10.51 -1.84
C LYS D 62 -31.62 -10.00 -2.18
N SER D 63 -32.65 -10.84 -2.11
CA SER D 63 -33.97 -10.40 -2.51
C SER D 63 -34.72 -9.67 -1.38
N LEU D 64 -34.16 -9.62 -0.19
CA LEU D 64 -34.84 -8.97 0.93
C LEU D 64 -34.30 -7.56 1.13
N PRO D 65 -35.03 -6.70 1.85
CA PRO D 65 -34.42 -5.45 2.32
C PRO D 65 -33.24 -5.71 3.22
N ALA D 66 -32.21 -4.88 3.08
CA ALA D 66 -31.00 -5.01 3.89
C ALA D 66 -31.26 -4.60 5.34
N LEU D 67 -32.11 -3.61 5.55
CA LEU D 67 -32.42 -3.14 6.90
C LEU D 67 -33.93 -3.21 7.08
N ASN D 68 -34.37 -3.79 8.19
CA ASN D 68 -35.78 -3.91 8.49
C ASN D 68 -36.03 -3.62 9.97
N SER E 2 20.77 3.92 8.77
CA SER E 2 21.03 5.30 8.37
C SER E 2 20.98 6.25 9.56
N ILE E 3 21.08 7.52 9.28
CA ILE E 3 21.09 8.55 10.31
C ILE E 3 19.65 8.99 10.59
N THR E 4 19.37 9.28 11.86
CA THR E 4 17.99 9.39 12.32
C THR E 4 17.22 10.49 11.59
N THR E 5 17.63 11.76 11.71
CA THR E 5 16.92 12.84 11.04
C THR E 5 17.89 13.53 10.08
N PRO E 6 17.93 13.11 8.82
CA PRO E 6 18.99 13.59 7.92
C PRO E 6 18.88 15.04 7.46
N GLU E 7 17.75 15.71 7.64
CA GLU E 7 17.60 17.10 7.22
C GLU E 7 17.05 17.91 8.38
N GLU E 8 17.81 18.90 8.84
CA GLU E 8 17.32 19.76 9.92
C GLU E 8 18.04 21.10 9.90
N MET E 9 17.57 22.02 10.76
CA MET E 9 18.05 23.38 10.87
C MET E 9 18.07 23.76 12.34
N ILE E 10 19.13 24.44 12.77
CA ILE E 10 19.35 24.76 14.16
C ILE E 10 19.75 26.22 14.28
N GLU E 11 19.15 26.91 15.25
CA GLU E 11 19.38 28.34 15.48
C GLU E 11 19.98 28.57 16.85
N LYS E 12 21.11 29.26 16.90
CA LYS E 12 21.72 29.64 18.18
C LYS E 12 22.31 31.03 18.08
N ALA E 13 22.83 31.52 19.21
CA ALA E 13 23.35 32.87 19.33
C ALA E 13 24.87 32.87 19.47
N LYS E 14 25.47 34.02 19.13
CA LYS E 14 26.92 34.19 19.21
C LYS E 14 27.39 34.01 20.63
N GLY E 15 28.44 33.21 20.80
CA GLY E 15 28.99 32.97 22.11
C GLY E 15 28.54 31.66 22.70
N GLU E 16 27.35 31.19 22.30
CA GLU E 16 26.87 29.89 22.73
C GLU E 16 27.55 28.79 21.92
N THR E 17 27.30 27.53 22.26
CA THR E 17 27.99 26.42 21.63
C THR E 17 27.01 25.39 21.09
N ALA E 18 27.05 25.20 19.77
CA ALA E 18 26.09 24.40 19.04
C ALA E 18 26.37 22.90 19.19
N TYR E 19 25.29 22.14 19.43
CA TYR E 19 25.27 20.69 19.36
C TYR E 19 24.73 20.30 17.98
N LEU E 20 25.54 19.56 17.21
CA LEU E 20 25.14 19.05 15.92
C LEU E 20 24.92 17.54 16.06
N PRO E 21 23.68 17.07 16.17
CA PRO E 21 23.44 15.64 16.37
C PRO E 21 23.63 14.85 15.09
N CYS E 22 24.37 13.74 15.21
CA CYS E 22 24.49 12.76 14.13
C CYS E 22 24.48 11.38 14.81
N LYS E 23 23.30 10.79 14.91
CA LYS E 23 23.12 9.48 15.52
C LYS E 23 22.68 8.50 14.45
N PHE E 24 23.35 7.35 14.38
CA PHE E 24 23.17 6.40 13.29
C PHE E 24 22.88 5.01 13.83
N THR E 25 22.35 4.16 12.96
CA THR E 25 22.07 2.78 13.27
C THR E 25 22.58 1.89 12.15
N LEU E 26 23.17 0.77 12.51
CA LEU E 26 23.78 -0.15 11.56
C LEU E 26 22.82 -1.27 11.20
N SER E 27 22.90 -1.70 10.01
CA SER E 27 22.24 -2.87 9.45
C SER E 27 23.11 -4.10 9.68
N PRO E 28 22.55 -5.31 9.67
CA PRO E 28 23.39 -6.51 9.81
C PRO E 28 24.34 -6.71 8.64
N GLU E 29 24.03 -6.17 7.45
CA GLU E 29 24.93 -6.29 6.32
C GLU E 29 26.21 -5.48 6.49
N ASP E 30 26.18 -4.41 7.29
CA ASP E 30 27.29 -3.45 7.36
C ASP E 30 28.43 -3.99 8.21
N GLN E 31 29.42 -4.60 7.57
CA GLN E 31 30.51 -5.27 8.27
C GLN E 31 31.89 -4.73 7.93
N GLY E 32 31.99 -3.68 7.11
CA GLY E 32 33.26 -3.04 6.88
C GLY E 32 33.72 -2.19 8.05
N PRO E 33 34.89 -1.56 7.94
CA PRO E 33 35.34 -0.66 8.99
C PRO E 33 34.61 0.68 8.99
N LEU E 34 34.53 1.29 10.17
CA LEU E 34 33.76 2.52 10.36
C LEU E 34 34.56 3.77 10.01
N ASP E 35 33.95 4.66 9.25
CA ASP E 35 34.55 5.95 8.89
C ASP E 35 33.55 7.05 9.19
N ILE E 36 33.99 8.14 9.81
CA ILE E 36 33.11 9.25 10.15
C ILE E 36 33.77 10.54 9.72
N GLU E 37 33.08 11.33 8.90
CA GLU E 37 33.61 12.57 8.37
C GLU E 37 32.63 13.71 8.62
N TRP E 38 33.14 14.87 8.99
CA TRP E 38 32.32 16.07 9.05
C TRP E 38 32.92 17.12 8.12
N LEU E 39 32.11 17.64 7.21
CA LEU E 39 32.59 18.67 6.30
C LEU E 39 31.64 19.87 6.36
N ILE E 40 32.03 20.95 5.66
CA ILE E 40 31.39 22.25 5.84
C ILE E 40 31.24 22.95 4.50
N SER E 41 30.13 23.67 4.34
CA SER E 41 29.96 24.62 3.25
C SER E 41 29.49 25.94 3.84
N PRO E 42 30.37 26.92 3.97
CA PRO E 42 30.02 28.17 4.64
C PRO E 42 29.15 29.07 3.78
N ALA E 43 28.28 29.82 4.46
CA ALA E 43 27.35 30.71 3.78
C ALA E 43 28.06 31.95 3.24
N ASP E 44 28.82 32.63 4.10
CA ASP E 44 29.52 33.84 3.69
C ASP E 44 30.53 33.55 2.58
N ASN E 45 31.19 32.41 2.66
CA ASN E 45 32.35 32.10 1.84
C ASN E 45 31.97 31.20 0.66
N GLN E 46 32.76 31.28 -0.40
CA GLN E 46 32.55 30.46 -1.60
C GLN E 46 33.37 29.17 -1.58
N LYS E 47 34.12 28.91 -0.52
CA LYS E 47 34.74 27.58 -0.38
C LYS E 47 33.67 26.57 0.03
N VAL E 48 33.82 25.34 -0.43
CA VAL E 48 32.76 24.35 -0.35
C VAL E 48 33.33 22.97 -0.11
N ASP E 49 32.65 22.21 0.75
CA ASP E 49 32.94 20.79 0.97
C ASP E 49 34.34 20.59 1.54
N GLN E 50 34.56 21.17 2.72
CA GLN E 50 35.86 21.16 3.38
C GLN E 50 35.77 20.36 4.67
N VAL E 51 36.64 19.36 4.81
CA VAL E 51 36.66 18.53 6.01
C VAL E 51 37.07 19.37 7.20
N ILE E 52 36.36 19.20 8.31
CA ILE E 52 36.70 19.87 9.56
C ILE E 52 37.16 18.87 10.62
N ILE E 53 36.63 17.64 10.62
CA ILE E 53 37.06 16.64 11.60
C ILE E 53 36.76 15.24 11.07
N LEU E 54 37.73 14.36 11.26
CA LEU E 54 37.68 13.00 10.74
C LEU E 54 37.83 12.00 11.88
N TYR E 55 37.29 10.81 11.67
CA TYR E 55 37.51 9.68 12.58
C TYR E 55 37.65 8.43 11.71
N SER E 56 38.76 7.72 11.88
CA SER E 56 39.06 6.54 11.07
C SER E 56 40.05 5.67 11.82
N GLY E 57 40.05 4.39 11.47
CA GLY E 57 41.00 3.44 12.00
C GLY E 57 41.30 3.63 13.48
N ASP E 58 40.26 3.70 14.32
CA ASP E 58 40.34 3.71 15.77
C ASP E 58 40.73 5.06 16.36
N LYS E 59 40.86 6.12 15.57
CA LYS E 59 41.38 7.38 16.11
C LYS E 59 40.82 8.59 15.37
N ILE E 60 40.92 9.73 16.05
CA ILE E 60 40.37 11.01 15.62
C ILE E 60 41.46 11.79 14.91
N TYR E 61 41.04 12.68 14.01
CA TYR E 61 41.92 13.64 13.35
C TYR E 61 41.21 15.01 13.36
N ASP E 62 41.77 15.93 14.13
CA ASP E 62 41.38 17.33 14.14
C ASP E 62 42.21 18.09 13.12
N ASP E 63 42.20 19.42 13.23
CA ASP E 63 43.17 20.28 12.55
C ASP E 63 43.05 20.16 11.03
N TYR E 64 41.89 20.52 10.56
CA TYR E 64 41.61 20.54 9.12
C TYR E 64 41.06 21.89 8.67
N TYR E 65 40.43 22.63 9.57
CA TYR E 65 39.88 23.94 9.27
C TYR E 65 40.52 24.94 10.22
N PRO E 66 41.45 25.78 9.75
CA PRO E 66 42.08 26.74 10.67
C PRO E 66 41.07 27.57 11.43
N ASP E 67 39.90 27.81 10.85
CA ASP E 67 38.91 28.66 11.49
C ASP E 67 38.34 28.04 12.75
N LEU E 68 38.04 26.74 12.72
CA LEU E 68 37.45 26.04 13.86
C LEU E 68 38.50 25.39 14.75
N LYS E 69 39.74 25.87 14.69
CA LYS E 69 40.84 25.29 15.43
C LYS E 69 40.51 25.19 16.92
N GLY E 70 40.47 23.96 17.43
CA GLY E 70 40.24 23.75 18.84
C GLY E 70 38.81 23.99 19.28
N ARG E 71 37.91 24.23 18.34
CA ARG E 71 36.52 24.49 18.68
C ARG E 71 35.54 23.52 18.02
N VAL E 72 36.00 22.34 17.63
CA VAL E 72 35.14 21.28 17.09
C VAL E 72 35.56 19.96 17.71
N HIS E 73 34.65 19.33 18.44
CA HIS E 73 34.97 18.08 19.13
C HIS E 73 33.81 17.09 19.06
N PHE E 74 34.11 15.79 19.23
CA PHE E 74 33.07 14.78 19.36
C PHE E 74 32.52 14.78 20.77
N THR E 75 31.22 14.53 20.91
CA THR E 75 30.57 14.66 22.20
C THR E 75 30.44 13.34 22.95
N SER E 76 30.73 12.21 22.31
CA SER E 76 30.53 10.91 22.94
C SER E 76 31.85 10.33 23.41
N ASN E 77 31.82 9.71 24.59
CA ASN E 77 32.97 8.95 25.06
C ASN E 77 33.17 7.68 24.23
N ASP E 78 32.14 7.25 23.52
CA ASP E 78 32.14 6.02 22.74
C ASP E 78 31.43 6.27 21.42
N LEU E 79 32.20 6.59 20.37
CA LEU E 79 31.64 7.04 19.11
C LEU E 79 31.03 5.90 18.29
N LYS E 80 31.67 4.74 18.28
CA LYS E 80 31.26 3.65 17.39
C LYS E 80 30.00 2.93 17.87
N SER E 81 29.43 3.33 19.01
CA SER E 81 28.17 2.76 19.46
C SER E 81 26.97 3.34 18.74
N GLY E 82 27.17 4.34 17.88
CA GLY E 82 26.08 4.97 17.17
C GLY E 82 25.96 6.46 17.37
N ASP E 83 26.99 7.14 17.87
CA ASP E 83 26.94 8.58 18.10
C ASP E 83 28.13 9.25 17.41
N ALA E 84 27.84 10.07 16.40
CA ALA E 84 28.85 10.88 15.73
C ALA E 84 28.57 12.38 15.84
N SER E 85 27.85 12.80 16.88
CA SER E 85 27.50 14.21 17.08
C SER E 85 28.75 15.03 17.41
N ILE E 86 28.69 16.33 17.11
CA ILE E 86 29.82 17.19 17.43
C ILE E 86 29.36 18.47 18.12
N ASN E 87 30.29 19.07 18.85
CA ASN E 87 30.13 20.39 19.44
C ASN E 87 31.02 21.40 18.73
N VAL E 88 30.42 22.52 18.36
CA VAL E 88 31.13 23.72 17.95
C VAL E 88 30.96 24.73 19.09
N THR E 89 32.00 25.50 19.37
CA THR E 89 32.02 26.37 20.53
C THR E 89 32.34 27.80 20.11
N ASN E 90 31.94 28.76 20.96
CA ASN E 90 32.18 30.20 20.74
C ASN E 90 31.78 30.59 19.32
N LEU E 91 30.49 30.43 19.04
CA LEU E 91 29.94 30.62 17.70
C LEU E 91 29.99 32.10 17.30
N GLN E 92 30.37 32.38 16.06
CA GLN E 92 30.26 33.72 15.50
C GLN E 92 29.67 33.65 14.09
N LEU E 93 29.30 34.81 13.58
CA LEU E 93 28.55 34.89 12.33
C LEU E 93 29.28 34.25 11.16
N SER E 94 30.61 34.27 11.18
CA SER E 94 31.38 33.82 10.04
C SER E 94 31.38 32.31 9.86
N ASP E 95 30.62 31.56 10.67
CA ASP E 95 30.53 30.13 10.49
C ASP E 95 29.15 29.65 10.08
N ILE E 96 28.18 30.57 9.96
CA ILE E 96 26.84 30.22 9.49
C ILE E 96 26.97 29.47 8.18
N GLY E 97 26.32 28.31 8.08
CA GLY E 97 26.50 27.53 6.86
C GLY E 97 25.77 26.20 6.93
N THR E 98 26.20 25.26 6.10
CA THR E 98 25.66 23.91 6.09
C THR E 98 26.75 22.90 6.39
N TYR E 99 26.61 22.24 7.54
CA TYR E 99 27.51 21.19 8.00
C TYR E 99 26.98 19.84 7.51
N GLN E 100 27.88 18.92 7.24
CA GLN E 100 27.53 17.63 6.64
C GLN E 100 28.23 16.52 7.41
N CYS E 101 27.45 15.51 7.80
CA CYS E 101 27.94 14.36 8.54
C CYS E 101 27.85 13.14 7.64
N LYS E 102 28.98 12.46 7.45
CA LYS E 102 29.09 11.33 6.54
C LYS E 102 29.55 10.12 7.33
N VAL E 103 28.73 9.08 7.37
CA VAL E 103 29.07 7.85 8.07
C VAL E 103 29.15 6.72 7.05
N LYS E 104 30.24 5.96 7.10
CA LYS E 104 30.52 4.90 6.15
C LYS E 104 30.81 3.62 6.93
N LYS E 105 30.17 2.52 6.52
CA LYS E 105 30.55 1.20 6.99
C LYS E 105 30.04 0.23 5.93
N ALA E 106 30.93 -0.20 5.03
CA ALA E 106 30.53 -0.89 3.81
C ALA E 106 29.68 -2.11 4.14
N PRO E 107 28.59 -2.35 3.40
CA PRO E 107 28.15 -1.61 2.21
C PRO E 107 27.49 -0.25 2.49
N GLY E 108 27.08 -0.02 3.73
CA GLY E 108 26.25 1.11 4.05
C GLY E 108 26.96 2.46 4.07
N VAL E 109 26.23 3.48 3.62
CA VAL E 109 26.70 4.86 3.54
C VAL E 109 25.51 5.77 3.84
N ALA E 110 25.72 6.75 4.70
CA ALA E 110 24.66 7.71 5.04
C ALA E 110 25.25 9.10 5.24
N ASN E 111 24.41 10.10 5.01
CA ASN E 111 24.82 11.49 5.25
C ASN E 111 23.67 12.27 5.85
N LYS E 112 24.02 13.39 6.47
CA LYS E 112 23.07 14.28 7.11
C LYS E 112 23.50 15.73 6.93
N LYS E 113 22.55 16.59 6.57
CA LYS E 113 22.81 18.01 6.38
C LYS E 113 22.16 18.82 7.47
N ILE E 114 22.95 19.65 8.15
CA ILE E 114 22.49 20.56 9.17
C ILE E 114 22.77 21.98 8.69
N HIS E 115 21.75 22.83 8.71
CA HIS E 115 21.91 24.23 8.34
C HIS E 115 21.98 25.07 9.61
N LEU E 116 23.18 25.51 9.98
CA LEU E 116 23.38 26.28 11.19
C LEU E 116 23.25 27.77 10.89
N VAL E 117 22.29 28.40 11.57
CA VAL E 117 22.06 29.84 11.56
C VAL E 117 22.50 30.39 12.91
N VAL E 118 23.33 31.42 12.90
CA VAL E 118 23.74 32.10 14.12
C VAL E 118 23.24 33.54 14.07
N LEU E 119 22.59 33.97 15.13
CA LEU E 119 21.94 35.28 15.17
C LEU E 119 22.65 36.22 16.13
N VAL E 120 22.44 37.52 15.89
CA VAL E 120 23.19 38.55 16.61
C VAL E 120 22.87 38.50 18.09
N LYS E 121 21.61 38.71 18.44
CA LYS E 121 20.96 38.72 19.73
C LYS E 121 20.51 37.31 20.13
N PRO E 122 20.58 36.94 21.41
CA PRO E 122 20.02 35.64 21.81
C PRO E 122 18.52 35.71 21.94
N SER E 123 17.80 35.23 20.93
CA SER E 123 16.36 35.31 20.90
C SER E 123 15.84 34.43 19.76
N GLY E 124 14.90 33.55 20.08
CA GLY E 124 14.23 32.78 19.05
C GLY E 124 13.09 33.58 18.47
N ALA E 125 13.12 34.89 18.65
CA ALA E 125 12.02 35.79 18.33
C ALA E 125 10.72 35.28 18.96
#